data_5JJH
#
_entry.id   5JJH
#
_cell.length_a   73.207
_cell.length_b   83.409
_cell.length_c   125.322
_cell.angle_alpha   90.000
_cell.angle_beta   90.000
_cell.angle_gamma   90.000
#
_symmetry.space_group_name_H-M   'P 21 21 21'
#
loop_
_entity.id
_entity.type
_entity.pdbx_description
1 polymer 4-alpha-glucanotransferase
2 non-polymer GLYCEROL
3 non-polymer 'SULFATE ION'
4 water water
#
_entity_poly.entity_id   1
_entity_poly.type   'polypeptide(L)'
_entity_poly.pdbx_seq_one_letter_code
;MTARRFLNELADLYGVATSYTDYKGAHIEVSDDTLVKILRALGVNLDTSNLPNDDAIQRQIALFHDREFTRPLPPSVVAV
EGDELVFPVHVHDGSPADVHIELEDGTQRDVSQVENWTAPREIDGIRWGEASFKIPGDLPLGWHKLHLKSNERSAECGLI
ITPARLSTADKYLDSPRSGVMAQIYSVRSTLSWGMGDFNDLGNLASVVAQDGADFLLINPMHAAEPLPPTEDSPYLPTTR
RFINPIYIRVEDIPEFNQLEIDLRDDIAEMAAEFRERNLTSDIIERNDVYAAKLQVLRAIFEMPRSSEREANFVSFVQRE
GQGLIDFATWCADRETAQSESVHGTEPDRDELTMFYMWLQWLCDEQLAAAQKRAVDAGMSIGIMADLAVGVHPGGADAQN
LSHVLAPDASVGAPPDGYNQQGQDWSQPPWHPVRLAEEGYIPWRNLLRTVLRHSGGIRVDHVLGLFRLFVMPRMQSPATG
TYIRFDHNALVGILALEAELAGAVVIGEDLGTFEPWVQDALAQRGIMGTSILWFEHSPSQPGPRRQEEYRPLALTTVTTH
DLPPTAGYLEGEHIALRERLGVLNTDPAAELAEDLQWQAEILDVAASANALPAREYVGLERDQRGELAELLEGLHTFVAK
TPSALTCVCLVDMVGEKRAQNQPGTTRDMYPNWCIPLCDSEGNSVLIESLRENELYHRVAKASKRDLEHHHHHH
;
_entity_poly.pdbx_strand_id   A
#
loop_
_chem_comp.id
_chem_comp.type
_chem_comp.name
_chem_comp.formula
GOL non-polymer GLYCEROL 'C3 H8 O3'
SO4 non-polymer 'SULFATE ION' 'O4 S -2'
#
# COMPACT_ATOMS: atom_id res chain seq x y z
N ALA A 3 10.84 -0.28 -39.00
CA ALA A 3 9.38 -0.04 -39.22
C ALA A 3 8.63 -0.07 -37.85
N ARG A 4 8.15 1.11 -37.47
CA ARG A 4 7.49 1.31 -36.23
C ARG A 4 6.24 0.44 -36.17
N ARG A 5 5.60 0.12 -37.31
CA ARG A 5 4.39 -0.72 -37.31
C ARG A 5 4.62 -2.02 -36.57
N PHE A 6 5.79 -2.62 -36.76
CA PHE A 6 6.06 -3.92 -36.16
C PHE A 6 6.38 -3.72 -34.68
N LEU A 7 7.16 -2.70 -34.34
CA LEU A 7 7.30 -2.33 -32.94
C LEU A 7 5.97 -2.09 -32.18
N ASN A 8 5.08 -1.33 -32.77
CA ASN A 8 3.77 -1.07 -32.20
C ASN A 8 2.98 -2.37 -31.99
N GLU A 9 3.02 -3.25 -32.97
CA GLU A 9 2.32 -4.53 -32.90
C GLU A 9 2.87 -5.34 -31.72
N LEU A 10 4.16 -5.34 -31.55
CA LEU A 10 4.77 -6.10 -30.47
C LEU A 10 4.48 -5.50 -29.11
N ALA A 11 4.57 -4.19 -29.05
CA ALA A 11 4.22 -3.43 -27.83
C ALA A 11 2.79 -3.72 -27.43
N ASP A 12 1.87 -3.73 -28.39
CA ASP A 12 0.47 -4.03 -28.11
C ASP A 12 0.30 -5.38 -27.47
N LEU A 13 1.01 -6.40 -27.97
CA LEU A 13 0.89 -7.78 -27.39
C LEU A 13 1.34 -7.93 -25.94
N TYR A 14 2.32 -7.12 -25.56
CA TYR A 14 2.82 -7.06 -24.18
C TYR A 14 2.24 -5.95 -23.35
N GLY A 15 1.23 -5.23 -23.82
CA GLY A 15 0.63 -4.20 -23.00
C GLY A 15 1.50 -3.00 -22.68
N VAL A 16 2.40 -2.65 -23.61
CA VAL A 16 3.27 -1.53 -23.44
C VAL A 16 2.68 -0.38 -24.27
N ALA A 17 2.42 0.75 -23.61
CA ALA A 17 1.79 1.87 -24.33
C ALA A 17 2.78 2.52 -25.26
N THR A 18 2.31 2.87 -26.44
CA THR A 18 3.20 3.55 -27.46
C THR A 18 2.99 5.08 -27.47
N SER A 19 1.96 5.54 -26.80
CA SER A 19 1.85 6.97 -26.53
C SER A 19 1.02 7.21 -25.27
N TYR A 20 1.09 8.40 -24.70
CA TYR A 20 0.24 8.72 -23.54
C TYR A 20 0.07 10.23 -23.42
N THR A 21 -0.86 10.60 -22.55
CA THR A 21 -0.94 11.98 -22.17
C THR A 21 -0.28 12.10 -20.80
N ASP A 22 0.64 13.04 -20.66
CA ASP A 22 1.35 13.21 -19.37
C ASP A 22 0.41 13.81 -18.30
N TYR A 23 0.89 14.01 -17.07
CA TYR A 23 0.04 14.57 -16.02
C TYR A 23 -0.20 16.15 -16.15
N LYS A 24 0.52 16.81 -17.05
CA LYS A 24 0.21 18.19 -17.46
C LYS A 24 -0.57 18.30 -18.81
N GLY A 25 -1.20 17.21 -19.28
CA GLY A 25 -2.04 17.23 -20.50
C GLY A 25 -1.36 17.24 -21.89
N ALA A 26 -0.03 17.11 -21.92
CA ALA A 26 0.75 16.93 -23.16
C ALA A 26 0.60 15.50 -23.79
N HIS A 27 0.58 15.44 -25.13
CA HIS A 27 0.63 14.17 -25.92
C HIS A 27 2.05 13.72 -26.26
N ILE A 28 2.46 12.56 -25.74
CA ILE A 28 3.83 12.06 -25.95
C ILE A 28 3.73 10.83 -26.81
N GLU A 29 4.54 10.74 -27.88
CA GLU A 29 4.70 9.49 -28.61
C GLU A 29 5.98 8.88 -28.08
N VAL A 30 5.90 7.64 -27.62
CA VAL A 30 7.00 7.07 -26.84
C VAL A 30 8.07 6.73 -27.87
N SER A 31 9.31 6.88 -27.51
CA SER A 31 10.38 6.60 -28.46
C SER A 31 10.55 5.10 -28.72
N ASP A 32 11.13 4.79 -29.87
CA ASP A 32 11.48 3.44 -30.21
C ASP A 32 12.35 2.84 -29.12
N ASP A 33 13.31 3.65 -28.67
CA ASP A 33 14.32 3.18 -27.70
C ASP A 33 13.60 2.73 -26.45
N THR A 34 12.67 3.55 -25.98
CA THR A 34 11.91 3.20 -24.77
C THR A 34 11.10 1.89 -24.95
N LEU A 35 10.46 1.71 -26.12
CA LEU A 35 9.71 0.51 -26.39
C LEU A 35 10.59 -0.72 -26.31
N VAL A 36 11.75 -0.65 -26.92
CA VAL A 36 12.64 -1.79 -26.96
C VAL A 36 13.14 -2.09 -25.55
N LYS A 37 13.50 -1.06 -24.76
CA LYS A 37 14.03 -1.30 -23.43
C LYS A 37 12.96 -1.85 -22.50
N ILE A 38 11.74 -1.32 -22.60
CA ILE A 38 10.68 -1.86 -21.74
C ILE A 38 10.35 -3.30 -22.15
N LEU A 39 10.27 -3.59 -23.45
CA LEU A 39 10.05 -4.98 -23.92
C LEU A 39 11.15 -5.95 -23.43
N ARG A 40 12.40 -5.51 -23.49
CA ARG A 40 13.48 -6.31 -22.94
C ARG A 40 13.36 -6.51 -21.44
N ALA A 41 12.91 -5.47 -20.70
CA ALA A 41 12.72 -5.58 -19.28
C ALA A 41 11.63 -6.62 -18.96
N LEU A 42 10.70 -6.79 -19.89
CA LEU A 42 9.67 -7.84 -19.77
C LEU A 42 10.13 -9.21 -20.26
N GLY A 43 11.39 -9.38 -20.62
CA GLY A 43 11.86 -10.66 -21.09
C GLY A 43 11.86 -10.90 -22.59
N VAL A 44 11.55 -9.88 -23.40
CA VAL A 44 11.47 -10.10 -24.83
C VAL A 44 12.88 -10.06 -25.38
N ASN A 45 13.23 -11.06 -26.17
CA ASN A 45 14.58 -11.17 -26.65
C ASN A 45 14.77 -10.34 -27.92
N LEU A 46 15.25 -9.12 -27.73
CA LEU A 46 15.54 -8.20 -28.82
C LEU A 46 17.00 -7.74 -28.73
N ASP A 47 17.58 -7.35 -29.84
CA ASP A 47 19.03 -7.17 -29.92
C ASP A 47 19.58 -6.23 -28.86
N THR A 48 20.76 -6.66 -28.41
CA THR A 48 21.42 -6.20 -27.20
C THR A 48 21.93 -4.79 -27.39
N SER A 49 22.26 -4.48 -28.64
CA SER A 49 22.54 -3.12 -29.06
C SER A 49 21.34 -2.12 -28.89
N ASN A 50 20.17 -2.66 -28.58
CA ASN A 50 18.96 -1.88 -28.35
C ASN A 50 18.49 -1.29 -29.68
N LEU A 51 19.09 -1.75 -30.77
CA LEU A 51 18.59 -1.53 -32.11
C LEU A 51 18.31 -2.89 -32.71
N PRO A 52 16.95 -3.19 -32.91
CA PRO A 52 16.74 -4.52 -33.48
C PRO A 52 16.13 -4.47 -34.87
N ASN A 53 16.38 -5.52 -35.63
CA ASN A 53 15.91 -5.71 -36.99
C ASN A 53 14.41 -5.76 -37.05
N ASP A 54 13.85 -5.39 -38.20
CA ASP A 54 12.44 -5.69 -38.45
C ASP A 54 12.15 -7.19 -38.39
N ASP A 55 13.09 -8.00 -38.88
CA ASP A 55 13.02 -9.45 -38.75
C ASP A 55 12.92 -9.95 -37.32
N ALA A 56 13.82 -9.49 -36.44
CA ALA A 56 13.83 -9.87 -35.03
C ALA A 56 12.51 -9.48 -34.32
N ILE A 57 11.96 -8.35 -34.73
CA ILE A 57 10.68 -7.92 -34.17
C ILE A 57 9.57 -8.78 -34.67
N GLN A 58 9.54 -9.02 -35.99
CA GLN A 58 8.58 -9.96 -36.61
C GLN A 58 8.67 -11.37 -36.05
N ARG A 59 9.88 -11.80 -35.75
CA ARG A 59 10.05 -13.09 -35.15
C ARG A 59 9.49 -13.14 -33.70
N GLN A 60 9.66 -12.05 -32.95
CA GLN A 60 9.07 -12.02 -31.62
C GLN A 60 7.54 -11.92 -31.68
N ILE A 61 6.99 -11.26 -32.70
CA ILE A 61 5.50 -11.32 -32.89
C ILE A 61 5.00 -12.75 -33.09
N ALA A 62 5.62 -13.46 -34.01
CA ALA A 62 5.26 -14.85 -34.28
C ALA A 62 5.49 -15.73 -33.08
N LEU A 63 6.59 -15.56 -32.34
CA LEU A 63 6.80 -16.39 -31.16
C LEU A 63 5.74 -16.16 -30.07
N PHE A 64 5.28 -14.91 -29.94
CA PHE A 64 4.19 -14.64 -28.99
C PHE A 64 2.94 -15.46 -29.31
N HIS A 65 2.51 -15.37 -30.57
CA HIS A 65 1.32 -16.12 -31.02
C HIS A 65 1.53 -17.61 -30.89
N ASP A 66 2.71 -18.09 -31.24
CA ASP A 66 2.97 -19.50 -31.12
C ASP A 66 2.98 -20.00 -29.66
N ARG A 67 3.60 -19.20 -28.80
CA ARG A 67 3.67 -19.57 -27.39
C ARG A 67 2.30 -19.51 -26.79
N GLU A 68 1.47 -18.55 -27.22
CA GLU A 68 0.07 -18.50 -26.71
C GLU A 68 -0.72 -19.72 -27.15
N PHE A 69 -0.45 -20.21 -28.38
CA PHE A 69 -1.14 -21.36 -28.95
C PHE A 69 -0.68 -22.66 -28.31
N THR A 70 0.42 -22.67 -27.56
CA THR A 70 0.88 -23.89 -26.96
C THR A 70 0.71 -23.83 -25.45
N ARG A 71 -0.03 -22.88 -24.96
CA ARG A 71 -0.29 -22.81 -23.48
C ARG A 71 -1.35 -23.85 -23.19
N PRO A 72 -0.99 -24.91 -22.45
CA PRO A 72 -2.00 -25.88 -22.17
C PRO A 72 -3.23 -25.36 -21.46
N LEU A 73 -3.00 -24.65 -20.35
CA LEU A 73 -3.99 -23.82 -19.67
C LEU A 73 -3.56 -22.38 -19.76
N PRO A 74 -4.47 -21.44 -19.46
CA PRO A 74 -4.08 -20.04 -19.31
C PRO A 74 -3.10 -19.84 -18.14
N PRO A 75 -2.39 -18.74 -18.15
CA PRO A 75 -1.52 -18.49 -16.98
C PRO A 75 -2.28 -18.73 -15.68
N SER A 76 -3.44 -18.08 -15.58
CA SER A 76 -4.42 -18.36 -14.58
C SER A 76 -5.78 -17.85 -15.12
N VAL A 77 -6.83 -18.18 -14.38
CA VAL A 77 -8.18 -17.74 -14.72
C VAL A 77 -8.82 -17.07 -13.56
N VAL A 78 -9.26 -15.83 -13.75
CA VAL A 78 -9.90 -15.07 -12.62
C VAL A 78 -11.31 -14.71 -13.09
N ALA A 79 -12.33 -14.99 -12.32
CA ALA A 79 -13.73 -14.70 -12.64
C ALA A 79 -14.46 -14.11 -11.42
N VAL A 80 -15.48 -13.28 -11.67
CA VAL A 80 -16.31 -12.77 -10.63
C VAL A 80 -17.35 -13.86 -10.35
N GLU A 81 -17.71 -14.01 -9.08
N GLU A 81 -17.70 -14.05 -9.08
CA GLU A 81 -18.80 -14.92 -8.65
CA GLU A 81 -18.75 -15.02 -8.68
C GLU A 81 -20.00 -14.83 -9.57
C GLU A 81 -19.97 -14.85 -9.55
N GLY A 82 -20.58 -15.97 -9.95
CA GLY A 82 -21.67 -15.98 -10.88
C GLY A 82 -21.36 -16.04 -12.40
N ASP A 83 -20.14 -15.75 -12.84
CA ASP A 83 -19.81 -15.68 -14.27
C ASP A 83 -19.36 -17.05 -14.75
N GLU A 84 -20.03 -17.58 -15.75
CA GLU A 84 -19.70 -18.84 -16.40
C GLU A 84 -18.65 -18.57 -17.49
N LEU A 85 -17.47 -18.25 -17.04
CA LEU A 85 -16.37 -17.81 -17.87
C LEU A 85 -15.84 -18.92 -18.79
N VAL A 86 -15.53 -18.57 -20.02
CA VAL A 86 -15.04 -19.49 -21.06
C VAL A 86 -13.54 -19.25 -21.21
N PHE A 87 -12.76 -20.34 -21.19
CA PHE A 87 -11.30 -20.30 -21.32
C PHE A 87 -10.83 -21.35 -22.37
N PRO A 88 -9.67 -21.11 -22.97
CA PRO A 88 -9.03 -22.01 -23.96
C PRO A 88 -8.09 -22.98 -23.30
N VAL A 89 -8.10 -24.19 -23.85
CA VAL A 89 -7.15 -25.24 -23.54
C VAL A 89 -6.49 -25.64 -24.86
N HIS A 90 -5.18 -25.89 -24.81
CA HIS A 90 -4.43 -26.32 -25.97
C HIS A 90 -3.81 -27.68 -25.66
N VAL A 91 -4.04 -28.61 -26.57
CA VAL A 91 -3.49 -29.98 -26.46
C VAL A 91 -2.95 -30.46 -27.83
N HIS A 92 -2.10 -31.48 -27.80
CA HIS A 92 -1.65 -32.06 -29.05
C HIS A 92 -2.92 -32.56 -29.72
N ASP A 93 -3.08 -32.23 -30.97
CA ASP A 93 -4.28 -32.53 -31.75
C ASP A 93 -4.55 -34.05 -31.75
N GLY A 94 -5.79 -34.36 -31.38
CA GLY A 94 -6.20 -35.75 -31.22
C GLY A 94 -5.88 -36.41 -29.91
N SER A 95 -5.23 -35.74 -28.95
CA SER A 95 -5.07 -36.29 -27.59
C SER A 95 -6.22 -35.79 -26.68
N PRO A 96 -6.43 -36.41 -25.47
CA PRO A 96 -7.52 -35.97 -24.59
C PRO A 96 -7.29 -34.51 -24.08
N ALA A 97 -8.38 -33.80 -23.88
CA ALA A 97 -8.36 -32.58 -23.08
C ALA A 97 -9.24 -32.82 -21.84
N ASP A 98 -8.76 -33.61 -20.88
N ASP A 98 -8.72 -33.53 -20.85
CA ASP A 98 -9.51 -33.92 -19.66
CA ASP A 98 -9.48 -33.87 -19.67
C ASP A 98 -9.27 -32.76 -18.65
C ASP A 98 -9.26 -32.75 -18.63
N VAL A 99 -10.31 -31.97 -18.39
CA VAL A 99 -10.25 -30.74 -17.52
C VAL A 99 -11.17 -30.94 -16.33
N HIS A 100 -10.68 -30.58 -15.13
CA HIS A 100 -11.58 -30.43 -14.00
C HIS A 100 -11.07 -29.32 -13.07
N ILE A 101 -11.90 -29.02 -12.07
CA ILE A 101 -11.58 -28.06 -11.06
C ILE A 101 -11.35 -28.72 -9.74
N GLU A 102 -10.31 -28.29 -9.02
CA GLU A 102 -10.18 -28.62 -7.59
C GLU A 102 -10.37 -27.33 -6.79
N LEU A 103 -11.34 -27.31 -5.90
CA LEU A 103 -11.61 -26.11 -5.09
C LEU A 103 -10.62 -26.05 -3.98
N GLU A 104 -10.49 -24.86 -3.44
CA GLU A 104 -9.63 -24.58 -2.33
C GLU A 104 -9.83 -25.58 -1.20
N ASP A 105 -11.06 -25.92 -0.86
CA ASP A 105 -11.30 -26.88 0.25
C ASP A 105 -11.12 -28.38 -0.11
N GLY A 106 -10.72 -28.70 -1.34
CA GLY A 106 -10.52 -30.09 -1.79
C GLY A 106 -11.64 -30.74 -2.58
N THR A 107 -12.80 -30.12 -2.65
CA THR A 107 -13.94 -30.60 -3.43
C THR A 107 -13.62 -30.56 -4.93
N GLN A 108 -13.99 -31.55 -5.71
CA GLN A 108 -13.86 -31.41 -7.19
C GLN A 108 -15.12 -30.91 -7.84
N ARG A 109 -14.96 -30.11 -8.88
CA ARG A 109 -16.07 -29.72 -9.75
C ARG A 109 -15.69 -29.91 -11.23
N ASP A 110 -16.72 -29.93 -12.07
CA ASP A 110 -16.58 -30.15 -13.49
C ASP A 110 -16.70 -28.86 -14.28
N VAL A 111 -16.15 -28.88 -15.47
CA VAL A 111 -16.32 -27.84 -16.45
C VAL A 111 -17.13 -28.44 -17.57
N SER A 112 -17.61 -27.61 -18.48
CA SER A 112 -18.33 -28.05 -19.68
C SER A 112 -17.63 -27.55 -20.91
N GLN A 113 -17.57 -28.42 -21.93
CA GLN A 113 -17.00 -28.05 -23.20
C GLN A 113 -17.99 -27.13 -23.96
N VAL A 114 -17.48 -26.15 -24.63
CA VAL A 114 -18.29 -25.32 -25.51
C VAL A 114 -17.64 -25.17 -26.87
N GLU A 115 -18.37 -24.60 -27.80
CA GLU A 115 -17.96 -24.57 -29.18
C GLU A 115 -16.66 -23.75 -29.28
N ASN A 116 -15.76 -24.25 -30.07
CA ASN A 116 -14.48 -23.59 -30.41
C ASN A 116 -14.18 -23.91 -31.84
N TRP A 117 -14.11 -22.87 -32.63
CA TRP A 117 -13.90 -22.97 -34.03
C TRP A 117 -12.49 -22.79 -34.46
N THR A 118 -11.55 -22.60 -33.56
CA THR A 118 -10.14 -22.42 -33.99
C THR A 118 -9.50 -23.67 -34.67
N ALA A 119 -8.82 -23.42 -35.78
CA ALA A 119 -8.15 -24.48 -36.53
C ALA A 119 -6.85 -24.93 -35.82
N PRO A 120 -6.46 -26.21 -35.94
CA PRO A 120 -5.22 -26.63 -35.37
C PRO A 120 -4.06 -26.03 -36.18
N ARG A 121 -2.89 -25.98 -35.57
CA ARG A 121 -1.71 -25.37 -36.17
C ARG A 121 -0.54 -26.28 -35.87
N GLU A 122 0.45 -26.27 -36.74
CA GLU A 122 1.66 -27.03 -36.51
C GLU A 122 2.76 -26.10 -36.03
N ILE A 123 3.39 -26.45 -34.92
CA ILE A 123 4.31 -25.55 -34.22
C ILE A 123 5.46 -26.38 -33.70
N ASP A 124 6.68 -26.05 -34.14
CA ASP A 124 7.87 -26.84 -33.81
C ASP A 124 7.70 -28.36 -33.99
N GLY A 125 7.07 -28.77 -35.07
CA GLY A 125 6.92 -30.18 -35.36
C GLY A 125 5.74 -30.88 -34.72
N ILE A 126 4.88 -30.20 -33.96
CA ILE A 126 3.74 -30.85 -33.30
C ILE A 126 2.47 -30.14 -33.77
N ARG A 127 1.41 -30.90 -34.01
CA ARG A 127 0.15 -30.28 -34.42
C ARG A 127 -0.62 -30.07 -33.13
N TRP A 128 -1.03 -28.83 -32.91
CA TRP A 128 -1.74 -28.46 -31.70
C TRP A 128 -3.17 -28.08 -32.01
N GLY A 129 -4.11 -28.48 -31.16
CA GLY A 129 -5.48 -27.97 -31.27
C GLY A 129 -5.92 -27.19 -30.06
N GLU A 130 -7.02 -26.47 -30.22
CA GLU A 130 -7.65 -25.66 -29.21
C GLU A 130 -9.07 -26.14 -28.91
N ALA A 131 -9.42 -26.12 -27.63
CA ALA A 131 -10.81 -26.37 -27.17
C ALA A 131 -11.19 -25.30 -26.14
N SER A 132 -12.49 -25.06 -25.95
CA SER A 132 -13.02 -24.12 -24.94
C SER A 132 -13.82 -24.87 -23.92
N PHE A 133 -13.68 -24.44 -22.66
CA PHE A 133 -14.46 -24.99 -21.57
C PHE A 133 -15.04 -23.82 -20.76
N LYS A 134 -16.10 -24.11 -20.04
CA LYS A 134 -16.81 -23.08 -19.33
C LYS A 134 -16.84 -23.52 -17.89
N ILE A 135 -16.54 -22.62 -16.97
CA ILE A 135 -16.71 -22.92 -15.57
C ILE A 135 -18.18 -22.78 -15.16
N PRO A 136 -18.61 -23.54 -14.14
CA PRO A 136 -19.91 -23.35 -13.53
C PRO A 136 -20.06 -21.99 -12.91
N GLY A 137 -21.31 -21.51 -12.82
CA GLY A 137 -21.64 -20.20 -12.38
C GLY A 137 -21.84 -20.04 -10.89
N ASP A 138 -21.65 -21.13 -10.15
CA ASP A 138 -21.89 -21.20 -8.71
C ASP A 138 -20.71 -21.66 -7.83
N LEU A 139 -19.49 -21.38 -8.24
CA LEU A 139 -18.30 -21.69 -7.49
C LEU A 139 -18.22 -20.71 -6.32
N PRO A 140 -17.74 -21.17 -5.19
CA PRO A 140 -17.58 -20.27 -4.06
C PRO A 140 -16.39 -19.38 -4.28
N LEU A 141 -16.35 -18.30 -3.52
CA LEU A 141 -15.18 -17.39 -3.55
C LEU A 141 -13.95 -18.15 -3.22
N GLY A 142 -12.80 -17.78 -3.76
CA GLY A 142 -11.57 -18.37 -3.31
C GLY A 142 -10.51 -18.78 -4.30
N TRP A 143 -9.55 -19.57 -3.80
CA TRP A 143 -8.38 -19.93 -4.54
C TRP A 143 -8.42 -21.40 -4.96
N HIS A 144 -8.89 -21.61 -6.18
CA HIS A 144 -9.14 -22.92 -6.74
C HIS A 144 -8.12 -23.19 -7.82
N LYS A 145 -8.22 -24.36 -8.42
CA LYS A 145 -7.34 -24.75 -9.49
C LYS A 145 -8.05 -25.44 -10.64
N LEU A 146 -7.60 -25.16 -11.85
CA LEU A 146 -7.96 -25.92 -12.98
C LEU A 146 -6.84 -26.97 -13.20
N HIS A 147 -7.24 -28.14 -13.61
CA HIS A 147 -6.31 -29.25 -13.88
C HIS A 147 -6.58 -29.82 -15.24
N LEU A 148 -5.51 -30.00 -16.01
CA LEU A 148 -5.64 -30.57 -17.35
C LEU A 148 -4.82 -31.83 -17.38
N LYS A 149 -5.40 -32.90 -17.95
CA LYS A 149 -4.64 -34.13 -18.26
C LYS A 149 -4.81 -34.50 -19.72
N SER A 150 -3.70 -34.76 -20.39
CA SER A 150 -3.72 -35.08 -21.80
C SER A 150 -2.71 -36.21 -22.03
N ASN A 151 -3.19 -37.44 -21.88
CA ASN A 151 -2.33 -38.60 -21.83
C ASN A 151 -1.31 -38.38 -20.72
N GLU A 152 -0.04 -38.45 -21.02
CA GLU A 152 0.96 -38.30 -19.98
C GLU A 152 1.37 -36.82 -19.69
N ARG A 153 0.81 -35.86 -20.42
CA ARG A 153 1.09 -34.47 -20.21
C ARG A 153 0.02 -34.00 -19.23
N SER A 154 0.43 -33.08 -18.36
CA SER A 154 -0.48 -32.47 -17.44
C SER A 154 -0.10 -31.02 -17.19
N ALA A 155 -1.09 -30.27 -16.75
CA ALA A 155 -0.93 -28.81 -16.43
C ALA A 155 -1.96 -28.40 -15.40
N GLU A 156 -1.69 -27.27 -14.74
CA GLU A 156 -2.65 -26.71 -13.82
C GLU A 156 -2.49 -25.17 -13.90
N CYS A 157 -3.51 -24.49 -13.47
CA CYS A 157 -3.48 -23.10 -13.29
C CYS A 157 -4.43 -22.68 -12.18
N GLY A 158 -4.14 -21.53 -11.60
CA GLY A 158 -5.09 -20.97 -10.63
C GLY A 158 -6.41 -20.62 -11.28
N LEU A 159 -7.49 -20.85 -10.55
CA LEU A 159 -8.85 -20.41 -10.88
C LEU A 159 -9.35 -19.64 -9.64
N ILE A 160 -9.47 -18.31 -9.76
CA ILE A 160 -9.68 -17.46 -8.63
C ILE A 160 -11.03 -16.77 -8.82
N ILE A 161 -11.93 -16.98 -7.86
CA ILE A 161 -13.25 -16.48 -7.90
C ILE A 161 -13.44 -15.32 -6.94
N THR A 162 -13.85 -14.20 -7.49
CA THR A 162 -13.77 -12.91 -6.78
C THR A 162 -15.15 -12.34 -6.56
N PRO A 163 -15.36 -11.57 -5.46
CA PRO A 163 -16.72 -11.07 -5.14
C PRO A 163 -17.10 -9.89 -6.02
N ALA A 164 -18.37 -9.80 -6.39
CA ALA A 164 -18.91 -8.70 -7.14
C ALA A 164 -18.81 -7.39 -6.37
N ARG A 165 -18.97 -7.43 -5.05
CA ARG A 165 -18.91 -6.15 -4.30
C ARG A 165 -18.58 -6.37 -2.82
N LEU A 166 -17.64 -5.60 -2.30
CA LEU A 166 -17.36 -5.56 -0.86
C LEU A 166 -18.59 -5.22 0.01
N SER A 167 -18.94 -6.12 0.91
CA SER A 167 -20.00 -5.93 1.88
C SER A 167 -19.85 -4.66 2.75
N THR A 168 -18.60 -4.24 3.06
CA THR A 168 -18.48 -3.03 3.83
C THR A 168 -18.94 -1.76 3.13
N ALA A 169 -18.98 -1.76 1.78
CA ALA A 169 -19.30 -0.56 1.01
C ALA A 169 -20.73 -0.08 1.35
N ASP A 170 -21.69 -0.97 1.19
CA ASP A 170 -23.07 -0.62 1.58
C ASP A 170 -23.25 -0.37 3.06
N LYS A 171 -22.52 -1.09 3.90
CA LYS A 171 -22.62 -0.83 5.33
C LYS A 171 -22.33 0.57 5.71
N TYR A 172 -21.19 1.07 5.33
CA TYR A 172 -20.81 2.45 5.61
C TYR A 172 -21.54 3.54 4.83
N LEU A 173 -21.89 3.26 3.59
CA LEU A 173 -22.81 4.18 2.83
C LEU A 173 -24.08 4.45 3.63
N ASP A 174 -24.61 3.38 4.23
CA ASP A 174 -25.85 3.48 5.03
C ASP A 174 -25.62 4.03 6.43
N SER A 175 -24.47 3.73 7.04
CA SER A 175 -24.14 4.14 8.40
C SER A 175 -22.74 4.81 8.42
N PRO A 176 -22.66 6.06 7.96
CA PRO A 176 -21.36 6.71 7.83
C PRO A 176 -20.64 6.88 9.19
N ARG A 177 -19.34 6.70 9.20
CA ARG A 177 -18.55 6.69 10.41
C ARG A 177 -17.35 7.61 10.28
N SER A 178 -16.72 7.93 11.39
CA SER A 178 -15.46 8.65 11.36
C SER A 178 -14.34 7.80 11.94
N GLY A 179 -13.12 8.22 11.66
CA GLY A 179 -11.93 7.63 12.26
C GLY A 179 -10.86 8.68 12.36
N VAL A 180 -9.68 8.22 12.78
CA VAL A 180 -8.51 9.00 13.01
C VAL A 180 -7.34 8.40 12.23
N MET A 181 -6.48 9.27 11.71
CA MET A 181 -5.24 8.85 11.09
C MET A 181 -4.08 9.21 11.94
N ALA A 182 -3.16 8.27 12.18
CA ALA A 182 -1.96 8.65 12.96
C ALA A 182 -0.71 8.08 12.28
N GLN A 183 0.38 8.84 12.27
CA GLN A 183 1.68 8.27 11.92
C GLN A 183 2.28 7.59 13.14
N ILE A 184 2.03 6.31 13.33
CA ILE A 184 2.23 5.69 14.65
C ILE A 184 3.65 5.78 15.19
N TYR A 185 4.65 5.67 14.33
CA TYR A 185 6.07 5.83 14.75
C TYR A 185 6.30 7.22 15.47
N SER A 186 5.54 8.24 15.08
CA SER A 186 5.68 9.55 15.67
C SER A 186 4.89 9.79 16.95
N VAL A 187 4.02 8.87 17.36
CA VAL A 187 3.17 9.04 18.54
C VAL A 187 3.66 8.18 19.69
N ARG A 188 4.10 8.82 20.76
CA ARG A 188 4.64 8.12 21.89
C ARG A 188 3.71 8.12 23.11
N SER A 189 3.87 7.09 23.92
CA SER A 189 3.38 7.00 25.28
C SER A 189 4.56 7.19 26.21
N THR A 190 4.30 7.15 27.52
CA THR A 190 5.36 7.29 28.50
C THR A 190 6.41 6.18 28.35
N LEU A 191 5.97 4.98 28.01
CA LEU A 191 6.80 3.80 27.91
C LEU A 191 7.41 3.50 26.53
N SER A 192 7.01 4.20 25.48
CA SER A 192 7.61 3.96 24.17
C SER A 192 9.16 4.12 24.29
N TRP A 193 9.90 3.39 23.46
CA TRP A 193 11.33 3.64 23.31
C TRP A 193 11.60 4.71 22.27
N GLY A 194 11.14 5.93 22.52
CA GLY A 194 11.42 7.01 21.62
C GLY A 194 10.60 7.09 20.39
N MET A 195 9.89 6.02 20.07
CA MET A 195 9.04 6.02 18.90
C MET A 195 7.90 5.05 19.14
N GLY A 196 6.82 5.28 18.44
CA GLY A 196 5.58 4.49 18.73
C GLY A 196 5.77 3.04 18.32
N ASP A 197 5.09 2.16 19.01
CA ASP A 197 5.22 0.74 18.82
C ASP A 197 3.84 0.10 18.77
N PHE A 198 3.76 -1.25 18.72
CA PHE A 198 2.45 -1.93 18.57
C PHE A 198 1.61 -1.72 19.83
N ASN A 199 2.27 -1.58 20.99
CA ASN A 199 1.50 -1.28 22.18
C ASN A 199 0.80 0.05 22.06
N ASP A 200 1.61 1.05 21.69
CA ASP A 200 1.06 2.38 21.41
C ASP A 200 -0.08 2.38 20.40
N LEU A 201 0.04 1.54 19.36
CA LEU A 201 -0.99 1.39 18.33
C LEU A 201 -2.33 1.03 18.97
N GLY A 202 -2.32 -0.02 19.74
CA GLY A 202 -3.53 -0.50 20.39
C GLY A 202 -4.10 0.49 21.43
N ASN A 203 -3.17 1.09 22.19
CA ASN A 203 -3.50 2.10 23.18
C ASN A 203 -4.13 3.32 22.56
N LEU A 204 -3.50 3.87 21.54
CA LEU A 204 -4.07 4.97 20.78
C LEU A 204 -5.45 4.64 20.23
N ALA A 205 -5.60 3.46 19.61
CA ALA A 205 -6.92 3.08 19.10
C ALA A 205 -7.99 3.09 20.20
N SER A 206 -7.64 2.50 21.36
CA SER A 206 -8.60 2.46 22.44
C SER A 206 -8.92 3.90 22.93
N VAL A 207 -8.00 4.85 22.85
CA VAL A 207 -8.27 6.24 23.34
C VAL A 207 -9.21 6.98 22.42
N VAL A 208 -8.93 6.91 21.12
CA VAL A 208 -9.68 7.74 20.16
C VAL A 208 -11.02 7.06 19.99
N ALA A 209 -11.14 5.74 20.21
CA ALA A 209 -12.46 5.08 20.20
C ALA A 209 -13.49 5.62 21.24
N GLN A 210 -12.99 6.19 22.32
CA GLN A 210 -13.85 6.65 23.42
C GLN A 210 -14.59 7.87 22.98
N ASP A 211 -14.04 8.62 21.99
CA ASP A 211 -14.72 9.81 21.44
C ASP A 211 -15.39 9.63 20.09
N GLY A 212 -15.56 8.38 19.71
CA GLY A 212 -16.38 8.00 18.58
C GLY A 212 -15.69 7.43 17.35
N ALA A 213 -14.36 7.41 17.32
CA ALA A 213 -13.65 6.90 16.17
C ALA A 213 -13.96 5.42 15.96
N ASP A 214 -14.21 4.99 14.72
CA ASP A 214 -14.45 3.59 14.38
C ASP A 214 -13.26 2.91 13.66
N PHE A 215 -12.28 3.72 13.26
CA PHE A 215 -11.02 3.20 12.80
C PHE A 215 -9.87 4.06 13.15
N LEU A 216 -8.72 3.43 13.10
CA LEU A 216 -7.44 4.10 13.26
C LEU A 216 -6.58 3.76 12.01
N LEU A 217 -6.42 4.73 11.12
CA LEU A 217 -5.67 4.58 9.86
C LEU A 217 -4.25 4.96 10.18
N ILE A 218 -3.33 4.09 9.81
CA ILE A 218 -1.95 4.29 10.07
C ILE A 218 -1.06 4.21 8.81
N ASN A 219 0.19 4.60 8.99
CA ASN A 219 1.19 4.47 7.95
C ASN A 219 1.46 2.99 7.66
N PRO A 220 2.08 2.70 6.49
CA PRO A 220 2.51 1.33 6.15
C PRO A 220 3.46 0.86 7.27
N MET A 221 3.33 -0.42 7.60
CA MET A 221 4.19 -1.08 8.59
C MET A 221 5.09 -2.22 8.05
N HIS A 222 5.35 -2.16 6.78
CA HIS A 222 6.09 -3.19 6.04
C HIS A 222 7.52 -3.21 6.53
N ALA A 223 8.10 -4.41 6.57
CA ALA A 223 9.50 -4.54 6.99
C ALA A 223 10.46 -3.77 6.07
N ALA A 224 11.51 -3.20 6.65
CA ALA A 224 12.59 -2.56 5.97
C ALA A 224 13.87 -3.38 6.23
N GLU A 225 15.01 -2.75 6.41
CA GLU A 225 16.26 -3.47 6.65
C GLU A 225 16.12 -4.23 7.99
N PRO A 226 16.70 -5.44 8.08
CA PRO A 226 16.57 -6.22 9.26
C PRO A 226 17.50 -5.79 10.38
N LEU A 227 18.44 -4.91 10.08
CA LEU A 227 19.22 -4.21 11.14
C LEU A 227 19.61 -2.85 10.67
N PRO A 228 19.92 -1.94 11.58
CA PRO A 228 20.23 -0.56 11.19
C PRO A 228 21.57 -0.52 10.47
N PRO A 229 21.86 0.45 9.50
CA PRO A 229 20.89 1.55 9.39
C PRO A 229 19.62 1.20 8.64
N THR A 230 18.52 1.88 8.93
CA THR A 230 17.21 1.51 8.37
C THR A 230 16.49 2.72 7.70
N GLU A 231 15.60 2.40 6.75
CA GLU A 231 14.87 3.42 5.96
C GLU A 231 13.87 4.17 6.84
N ASP A 232 13.92 5.50 6.83
CA ASP A 232 12.89 6.30 7.51
C ASP A 232 11.51 6.22 6.84
N SER A 233 11.45 6.22 5.51
CA SER A 233 10.19 6.24 4.81
C SER A 233 9.40 4.89 4.89
N PRO A 234 8.15 4.94 5.34
CA PRO A 234 7.37 3.71 5.25
C PRO A 234 7.01 3.29 3.84
N TYR A 235 7.22 4.16 2.85
CA TYR A 235 6.83 3.95 1.47
C TYR A 235 7.98 3.35 0.60
N LEU A 236 9.11 3.06 1.22
CA LEU A 236 10.14 2.25 0.49
C LEU A 236 10.64 1.04 1.32
N PRO A 237 9.73 0.11 1.58
CA PRO A 237 10.07 -1.02 2.42
C PRO A 237 10.83 -2.09 1.64
N THR A 238 11.30 -3.10 2.35
CA THR A 238 12.07 -4.20 1.70
C THR A 238 11.15 -5.28 1.14
N THR A 239 9.91 -5.28 1.60
CA THR A 239 8.88 -6.27 1.29
C THR A 239 7.56 -5.58 1.52
N ARG A 240 6.48 -6.01 0.88
CA ARG A 240 5.15 -5.52 1.28
C ARG A 240 4.34 -6.55 2.03
N ARG A 241 4.94 -7.71 2.30
CA ARG A 241 4.25 -8.75 3.05
C ARG A 241 4.62 -8.72 4.52
N PHE A 242 5.90 -8.81 4.82
CA PHE A 242 6.32 -8.92 6.20
C PHE A 242 6.39 -7.59 6.93
N ILE A 243 6.42 -7.67 8.25
CA ILE A 243 6.24 -6.47 9.12
C ILE A 243 7.52 -5.97 9.77
N ASN A 244 7.62 -4.68 10.05
CA ASN A 244 8.86 -4.15 10.58
C ASN A 244 8.98 -4.47 12.07
N PRO A 245 9.95 -5.28 12.45
CA PRO A 245 10.16 -5.56 13.83
C PRO A 245 10.50 -4.37 14.78
N ILE A 246 10.89 -3.23 14.24
CA ILE A 246 11.18 -2.04 15.01
C ILE A 246 10.01 -1.62 15.88
N TYR A 247 8.80 -2.01 15.50
CA TYR A 247 7.61 -1.77 16.24
C TYR A 247 7.31 -2.67 17.43
N ILE A 248 8.10 -3.71 17.60
CA ILE A 248 7.88 -4.60 18.72
C ILE A 248 8.12 -3.85 20.01
N ARG A 249 7.26 -4.05 20.99
CA ARG A 249 7.54 -3.58 22.38
C ARG A 249 8.07 -4.80 23.09
N VAL A 250 9.38 -4.76 23.39
CA VAL A 250 10.05 -5.95 23.90
C VAL A 250 9.51 -6.40 25.21
N GLU A 251 9.09 -5.45 26.04
CA GLU A 251 8.61 -5.75 27.39
C GLU A 251 7.29 -6.46 27.35
N ASP A 252 6.57 -6.37 26.22
CA ASP A 252 5.29 -7.11 26.08
C ASP A 252 5.40 -8.59 25.67
N ILE A 253 6.60 -9.06 25.35
CA ILE A 253 6.75 -10.47 24.92
C ILE A 253 6.67 -11.39 26.17
N PRO A 254 5.81 -12.41 26.18
CA PRO A 254 5.69 -13.17 27.42
C PRO A 254 7.07 -13.71 27.87
N GLU A 255 7.95 -14.11 26.96
CA GLU A 255 9.27 -14.66 27.39
C GLU A 255 10.25 -13.57 27.95
N PHE A 256 9.91 -12.29 27.86
CA PHE A 256 10.71 -11.21 28.43
C PHE A 256 10.97 -11.42 29.93
N ASN A 257 9.92 -11.84 30.57
CA ASN A 257 9.87 -11.95 32.02
C ASN A 257 10.65 -13.14 32.54
N GLN A 258 11.16 -13.99 31.63
CA GLN A 258 12.03 -15.09 31.98
C GLN A 258 13.48 -14.68 32.01
N LEU A 259 13.85 -13.57 31.37
CA LEU A 259 15.20 -13.03 31.50
C LEU A 259 15.50 -12.77 32.99
N GLU A 260 16.77 -12.82 33.33
CA GLU A 260 17.24 -12.49 34.71
C GLU A 260 17.12 -11.02 35.02
N ILE A 261 16.98 -10.73 36.32
CA ILE A 261 16.59 -9.39 36.75
C ILE A 261 17.70 -8.41 36.42
N ASP A 262 18.96 -8.84 36.48
CA ASP A 262 20.06 -7.95 36.14
C ASP A 262 20.04 -7.51 34.64
N LEU A 263 19.68 -8.43 33.76
CA LEU A 263 19.43 -8.13 32.37
C LEU A 263 18.22 -7.20 32.15
N ARG A 264 17.11 -7.53 32.80
CA ARG A 264 15.99 -6.58 32.88
C ARG A 264 16.33 -5.20 33.32
N ASP A 265 17.20 -5.04 34.33
CA ASP A 265 17.63 -3.71 34.74
C ASP A 265 18.46 -3.05 33.67
N ASP A 266 19.35 -3.82 33.01
CA ASP A 266 20.18 -3.22 31.96
C ASP A 266 19.24 -2.69 30.86
N ILE A 267 18.22 -3.48 30.55
CA ILE A 267 17.28 -3.18 29.53
C ILE A 267 16.49 -1.96 29.95
N ALA A 268 16.07 -1.93 31.20
CA ALA A 268 15.42 -0.71 31.75
C ALA A 268 16.28 0.55 31.61
N GLU A 269 17.60 0.41 31.82
CA GLU A 269 18.55 1.52 31.63
C GLU A 269 18.50 1.98 30.17
N MET A 270 18.45 1.04 29.23
CA MET A 270 18.38 1.43 27.80
C MET A 270 17.02 2.13 27.58
N ALA A 271 15.94 1.51 28.08
CA ALA A 271 14.54 2.01 27.92
C ALA A 271 14.39 3.45 28.47
N ALA A 272 14.87 3.64 29.69
CA ALA A 272 14.77 4.95 30.32
C ALA A 272 15.44 5.99 29.43
N GLU A 273 16.58 5.70 28.82
CA GLU A 273 17.17 6.73 27.94
C GLU A 273 16.31 7.08 26.70
N PHE A 274 15.68 6.05 26.10
CA PHE A 274 14.87 6.29 24.88
C PHE A 274 13.57 7.03 25.33
N ARG A 275 13.10 6.67 26.52
CA ARG A 275 11.90 7.22 27.11
C ARG A 275 11.97 8.75 27.33
N GLU A 276 13.14 9.30 27.64
N GLU A 276 13.17 9.26 27.65
CA GLU A 276 13.30 10.75 27.74
CA GLU A 276 13.45 10.70 27.72
C GLU A 276 13.04 11.44 26.38
C GLU A 276 13.05 11.41 26.41
N ARG A 277 13.34 10.77 25.28
CA ARG A 277 13.04 11.30 23.98
C ARG A 277 11.54 11.54 23.74
N ASN A 278 10.70 10.77 24.42
CA ASN A 278 9.27 10.87 24.34
C ASN A 278 8.75 12.22 24.78
N LEU A 279 9.51 12.92 25.64
CA LEU A 279 9.13 14.20 26.22
C LEU A 279 9.62 15.36 25.43
N THR A 280 10.43 15.13 24.40
CA THR A 280 11.04 16.20 23.61
C THR A 280 10.41 16.29 22.25
N SER A 281 10.71 17.34 21.54
CA SER A 281 10.23 17.47 20.16
C SER A 281 11.39 17.14 19.21
N ASP A 282 12.45 16.49 19.71
CA ASP A 282 13.60 16.15 18.86
C ASP A 282 13.22 15.12 17.81
N ILE A 283 13.88 15.19 16.66
CA ILE A 283 13.53 14.34 15.56
C ILE A 283 13.73 12.89 15.94
N ILE A 284 12.90 12.03 15.35
CA ILE A 284 12.87 10.60 15.71
C ILE A 284 14.14 9.90 15.14
N GLU A 285 14.86 9.13 15.94
CA GLU A 285 15.95 8.32 15.39
C GLU A 285 15.63 6.85 15.55
N ARG A 286 15.44 6.24 14.41
CA ARG A 286 15.16 4.81 14.36
C ARG A 286 16.42 3.98 14.62
N ASN A 287 17.60 4.44 14.15
CA ASN A 287 18.70 3.47 14.10
C ASN A 287 19.13 3.02 15.44
N ASP A 288 19.35 3.92 16.40
CA ASP A 288 19.81 3.40 17.68
C ASP A 288 18.74 2.64 18.45
N VAL A 289 17.50 3.10 18.31
CA VAL A 289 16.35 2.37 18.95
C VAL A 289 16.29 0.93 18.41
N TYR A 290 16.50 0.81 17.12
CA TYR A 290 16.36 -0.53 16.45
C TYR A 290 17.46 -1.48 16.92
N ALA A 291 18.70 -0.99 16.84
CA ALA A 291 19.88 -1.74 17.40
C ALA A 291 19.67 -2.18 18.81
N ALA A 292 19.09 -1.31 19.65
CA ALA A 292 18.87 -1.68 21.02
C ALA A 292 17.79 -2.72 21.18
N LYS A 293 16.67 -2.57 20.46
CA LYS A 293 15.62 -3.58 20.49
C LYS A 293 16.15 -4.93 19.99
N LEU A 294 16.93 -4.89 18.93
CA LEU A 294 17.43 -6.18 18.34
C LEU A 294 18.35 -6.91 19.33
N GLN A 295 19.21 -6.17 20.02
CA GLN A 295 20.01 -6.75 21.08
C GLN A 295 19.15 -7.44 22.15
N VAL A 296 18.11 -6.79 22.64
CA VAL A 296 17.28 -7.41 23.62
C VAL A 296 16.52 -8.60 22.99
N LEU A 297 16.07 -8.43 21.73
CA LEU A 297 15.29 -9.55 21.09
C LEU A 297 16.24 -10.81 20.97
N ARG A 298 17.51 -10.59 20.69
CA ARG A 298 18.52 -11.69 20.66
C ARG A 298 18.56 -12.42 21.96
N ALA A 299 18.54 -11.68 23.09
CA ALA A 299 18.47 -12.31 24.39
C ALA A 299 17.15 -13.01 24.69
N ILE A 300 16.03 -12.42 24.31
CA ILE A 300 14.77 -13.12 24.61
C ILE A 300 14.59 -14.41 23.80
N PHE A 301 15.17 -14.39 22.61
CA PHE A 301 15.10 -15.51 21.67
C PHE A 301 15.72 -16.79 22.29
N GLU A 302 16.74 -16.62 23.12
CA GLU A 302 17.32 -17.78 23.95
C GLU A 302 16.34 -18.40 24.95
N MET A 303 15.32 -17.68 25.38
CA MET A 303 14.45 -18.17 26.42
C MET A 303 13.53 -19.25 25.90
N PRO A 304 13.29 -20.30 26.71
CA PRO A 304 12.45 -21.39 26.30
C PRO A 304 11.01 -21.03 26.41
N ARG A 305 10.22 -21.58 25.50
CA ARG A 305 8.79 -21.30 25.44
C ARG A 305 8.02 -22.40 26.10
N SER A 306 6.96 -22.05 26.81
CA SER A 306 6.01 -23.02 27.29
C SER A 306 5.47 -23.77 26.11
N SER A 307 4.89 -24.94 26.33
CA SER A 307 4.57 -25.74 25.16
C SER A 307 3.37 -25.12 24.40
N GLU A 308 2.47 -24.43 25.09
CA GLU A 308 1.36 -23.77 24.39
C GLU A 308 1.89 -22.67 23.43
N ARG A 309 2.83 -21.90 23.95
CA ARG A 309 3.49 -20.85 23.19
C ARG A 309 4.27 -21.44 22.01
N GLU A 310 4.96 -22.55 22.25
CA GLU A 310 5.76 -23.19 21.21
C GLU A 310 4.85 -23.65 20.08
N ALA A 311 3.67 -24.17 20.42
CA ALA A 311 2.69 -24.66 19.43
C ALA A 311 2.01 -23.53 18.64
N ASN A 312 1.75 -22.44 19.32
CA ASN A 312 1.44 -21.22 18.65
C ASN A 312 2.47 -20.76 17.60
N PHE A 313 3.75 -20.76 17.98
CA PHE A 313 4.81 -20.35 17.08
C PHE A 313 4.92 -21.27 15.88
N VAL A 314 4.75 -22.55 16.14
CA VAL A 314 4.85 -23.58 15.14
C VAL A 314 3.67 -23.47 14.16
N SER A 315 2.49 -23.24 14.70
CA SER A 315 1.28 -23.03 13.94
C SER A 315 1.43 -21.76 13.00
N PHE A 316 2.05 -20.68 13.52
CA PHE A 316 2.32 -19.50 12.71
C PHE A 316 3.28 -19.84 11.58
N VAL A 317 4.36 -20.54 11.89
CA VAL A 317 5.34 -20.86 10.89
C VAL A 317 4.71 -21.69 9.75
N GLN A 318 3.84 -22.60 10.16
N GLN A 318 3.85 -22.64 10.13
CA GLN A 318 3.16 -23.48 9.23
CA GLN A 318 3.13 -23.52 9.22
C GLN A 318 2.26 -22.71 8.29
C GLN A 318 2.27 -22.69 8.26
N ARG A 319 1.54 -21.75 8.83
CA ARG A 319 0.60 -20.93 8.08
C ARG A 319 1.32 -20.10 7.01
N GLU A 320 2.49 -19.57 7.31
CA GLU A 320 3.14 -18.58 6.47
C GLU A 320 3.97 -19.23 5.41
N GLY A 321 4.35 -20.48 5.60
CA GLY A 321 4.97 -21.26 4.53
C GLY A 321 6.30 -20.74 4.03
N GLN A 322 6.58 -21.03 2.76
CA GLN A 322 7.90 -20.81 2.23
C GLN A 322 8.31 -19.36 2.14
N GLY A 323 7.36 -18.49 1.87
CA GLY A 323 7.68 -17.09 1.77
C GLY A 323 8.30 -16.55 3.04
N LEU A 324 7.89 -17.06 4.19
CA LEU A 324 8.43 -16.63 5.50
C LEU A 324 9.88 -17.07 5.66
N ILE A 325 10.15 -18.32 5.30
CA ILE A 325 11.52 -18.84 5.33
C ILE A 325 12.43 -18.09 4.36
N ASP A 326 11.97 -17.78 3.14
CA ASP A 326 12.72 -16.98 2.17
C ASP A 326 13.06 -15.52 2.65
N PHE A 327 12.09 -14.87 3.24
CA PHE A 327 12.30 -13.53 3.80
C PHE A 327 13.35 -13.60 4.93
N ALA A 328 13.12 -14.52 5.84
CA ALA A 328 14.01 -14.67 7.00
C ALA A 328 15.45 -15.08 6.61
N THR A 329 15.58 -15.93 5.64
CA THR A 329 16.87 -16.31 5.15
C THR A 329 17.55 -15.14 4.48
N TRP A 330 16.85 -14.30 3.70
CA TRP A 330 17.40 -13.08 3.16
C TRP A 330 17.90 -12.15 4.32
N CYS A 331 17.11 -12.06 5.39
CA CYS A 331 17.56 -11.25 6.55
C CYS A 331 18.83 -11.84 7.19
N ALA A 332 18.90 -13.16 7.32
CA ALA A 332 20.12 -13.82 7.88
C ALA A 332 21.30 -13.54 7.03
N ASP A 333 21.13 -13.61 5.71
CA ASP A 333 22.21 -13.28 4.78
C ASP A 333 22.68 -11.86 4.82
N ARG A 334 21.73 -10.92 4.99
N ARG A 334 21.70 -10.96 5.01
CA ARG A 334 22.07 -9.50 5.04
CA ARG A 334 21.93 -9.53 5.09
C ARG A 334 22.77 -9.21 6.35
C ARG A 334 22.76 -9.24 6.33
N GLU A 335 22.29 -9.75 7.46
CA GLU A 335 22.98 -9.58 8.74
C GLU A 335 24.42 -10.14 8.67
N THR A 336 24.54 -11.38 8.26
CA THR A 336 25.89 -11.96 8.04
C THR A 336 26.84 -11.12 7.18
N ALA A 337 26.38 -10.59 6.06
CA ALA A 337 27.24 -9.84 5.18
C ALA A 337 27.67 -8.49 5.79
N GLN A 338 26.81 -7.88 6.63
CA GLN A 338 27.09 -6.57 7.23
C GLN A 338 27.97 -6.70 8.43
N SER A 339 27.78 -7.78 9.19
CA SER A 339 28.64 -8.09 10.33
C SER A 339 30.02 -8.55 9.91
N GLU A 340 30.96 -8.47 10.84
CA GLU A 340 32.33 -8.91 10.55
C GLU A 340 32.74 -9.88 11.63
N SER A 341 32.44 -11.16 11.42
CA SER A 341 32.60 -12.15 12.50
C SER A 341 34.08 -12.55 12.72
N VAL A 342 34.31 -13.27 13.80
CA VAL A 342 35.65 -13.65 14.20
C VAL A 342 36.22 -14.79 13.35
N HIS A 343 37.54 -14.88 13.37
CA HIS A 343 38.23 -15.96 12.71
C HIS A 343 37.87 -17.29 13.34
N GLY A 344 37.61 -18.27 12.49
CA GLY A 344 37.30 -19.62 12.91
C GLY A 344 35.88 -19.79 13.40
N THR A 345 35.07 -18.74 13.30
CA THR A 345 33.69 -18.78 13.84
C THR A 345 32.76 -18.42 12.70
N GLU A 346 31.68 -19.18 12.58
CA GLU A 346 30.69 -18.87 11.59
C GLU A 346 29.39 -18.59 12.30
N PRO A 347 28.59 -17.66 11.75
CA PRO A 347 27.23 -17.62 12.17
C PRO A 347 26.46 -18.86 11.66
N ASP A 348 25.45 -19.20 12.42
CA ASP A 348 24.62 -20.32 12.14
C ASP A 348 23.41 -19.76 11.34
N ARG A 349 23.46 -19.96 10.03
CA ARG A 349 22.49 -19.38 9.13
C ARG A 349 21.08 -19.84 9.48
N ASP A 350 20.94 -21.09 9.86
CA ASP A 350 19.61 -21.60 10.12
C ASP A 350 19.04 -21.04 11.40
N GLU A 351 19.86 -20.95 12.45
CA GLU A 351 19.40 -20.31 13.71
C GLU A 351 19.04 -18.83 13.52
N LEU A 352 19.85 -18.12 12.74
CA LEU A 352 19.54 -16.72 12.34
C LEU A 352 18.23 -16.63 11.60
N THR A 353 18.02 -17.59 10.69
CA THR A 353 16.78 -17.66 9.89
C THR A 353 15.64 -17.83 10.84
N MET A 354 15.82 -18.70 11.83
CA MET A 354 14.76 -18.94 12.77
C MET A 354 14.41 -17.68 13.60
N PHE A 355 15.46 -16.92 13.96
CA PHE A 355 15.30 -15.66 14.72
C PHE A 355 14.41 -14.68 13.91
N TYR A 356 14.69 -14.55 12.62
CA TYR A 356 13.94 -13.59 11.78
C TYR A 356 12.51 -14.12 11.58
N MET A 357 12.31 -15.43 11.54
CA MET A 357 10.93 -15.99 11.58
C MET A 357 10.19 -15.66 12.85
N TRP A 358 10.91 -15.79 13.97
CA TRP A 358 10.33 -15.56 15.26
C TRP A 358 9.97 -14.09 15.41
N LEU A 359 10.81 -13.15 14.95
CA LEU A 359 10.41 -11.72 14.94
C LEU A 359 9.05 -11.49 14.20
N GLN A 360 8.84 -12.19 13.09
CA GLN A 360 7.54 -12.07 12.40
C GLN A 360 6.42 -12.59 13.25
N TRP A 361 6.61 -13.69 14.00
CA TRP A 361 5.61 -14.19 14.90
C TRP A 361 5.27 -13.16 15.98
N LEU A 362 6.31 -12.47 16.47
CA LEU A 362 6.07 -11.45 17.48
C LEU A 362 5.22 -10.32 16.92
N CYS A 363 5.63 -9.82 15.75
CA CYS A 363 4.88 -8.76 15.07
C CYS A 363 3.40 -9.21 14.87
N ASP A 364 3.19 -10.45 14.43
CA ASP A 364 1.82 -10.97 14.26
C ASP A 364 1.04 -10.87 15.51
N GLU A 365 1.61 -11.37 16.60
CA GLU A 365 0.81 -11.43 17.82
C GLU A 365 0.58 -10.04 18.46
N GLN A 366 1.56 -9.15 18.35
CA GLN A 366 1.43 -7.76 18.89
C GLN A 366 0.44 -6.95 18.06
N LEU A 367 0.42 -7.21 16.76
CA LEU A 367 -0.60 -6.57 15.90
C LEU A 367 -1.98 -7.12 16.15
N ALA A 368 -2.11 -8.45 16.29
CA ALA A 368 -3.40 -9.05 16.69
C ALA A 368 -3.92 -8.41 18.01
N ALA A 369 -3.04 -8.23 18.98
CA ALA A 369 -3.39 -7.70 20.30
C ALA A 369 -3.88 -6.25 20.15
N ALA A 370 -3.20 -5.49 19.30
CA ALA A 370 -3.63 -4.11 19.01
C ALA A 370 -5.03 -4.07 18.36
N GLN A 371 -5.28 -4.94 17.38
CA GLN A 371 -6.58 -4.91 16.71
C GLN A 371 -7.64 -5.35 17.68
N LYS A 372 -7.32 -6.36 18.50
CA LYS A 372 -8.29 -6.82 19.53
C LYS A 372 -8.64 -5.65 20.51
N ARG A 373 -7.64 -4.87 20.88
CA ARG A 373 -7.87 -3.71 21.73
C ARG A 373 -8.80 -2.70 21.09
N ALA A 374 -8.55 -2.42 19.82
CA ALA A 374 -9.36 -1.47 19.09
C ALA A 374 -10.82 -1.88 19.01
N VAL A 375 -11.04 -3.13 18.63
CA VAL A 375 -12.35 -3.65 18.47
C VAL A 375 -13.04 -3.78 19.85
N ASP A 376 -12.32 -4.20 20.88
CA ASP A 376 -12.91 -4.28 22.23
C ASP A 376 -13.27 -2.89 22.79
N ALA A 377 -12.63 -1.82 22.35
CA ALA A 377 -12.97 -0.48 22.70
C ALA A 377 -14.14 0.05 21.95
N GLY A 378 -14.72 -0.73 21.06
CA GLY A 378 -15.94 -0.35 20.32
C GLY A 378 -15.79 0.05 18.85
N MET A 379 -14.58 -0.01 18.26
CA MET A 379 -14.42 0.36 16.86
C MET A 379 -15.06 -0.73 15.99
N SER A 380 -15.89 -0.31 15.06
CA SER A 380 -16.46 -1.17 14.04
C SER A 380 -15.46 -1.75 13.01
N ILE A 381 -14.46 -0.96 12.67
CA ILE A 381 -13.45 -1.36 11.72
C ILE A 381 -12.15 -1.75 12.41
N GLY A 382 -11.66 -0.86 13.26
CA GLY A 382 -10.38 -1.07 13.87
C GLY A 382 -9.22 -0.43 13.11
N ILE A 383 -8.10 -1.09 13.17
CA ILE A 383 -6.88 -0.60 12.56
C ILE A 383 -7.14 -0.71 11.09
N MET A 384 -6.84 0.38 10.37
CA MET A 384 -6.83 0.42 8.94
C MET A 384 -5.39 0.54 8.48
N ALA A 385 -4.91 -0.50 7.81
CA ALA A 385 -3.59 -0.56 7.29
C ALA A 385 -3.42 0.21 5.98
N ASP A 386 -2.21 0.61 5.68
CA ASP A 386 -1.87 1.34 4.42
C ASP A 386 -0.85 0.46 3.65
N LEU A 387 -1.09 0.20 2.37
CA LEU A 387 -0.24 -0.65 1.51
C LEU A 387 0.56 0.26 0.61
N ALA A 388 1.89 0.29 0.80
CA ALA A 388 2.78 0.99 -0.09
C ALA A 388 2.66 0.45 -1.51
N VAL A 389 3.11 1.23 -2.47
CA VAL A 389 3.00 0.87 -3.91
C VAL A 389 3.98 -0.23 -4.32
N GLY A 390 5.15 -0.18 -3.69
CA GLY A 390 6.18 -1.15 -4.06
C GLY A 390 7.32 -1.23 -3.10
N VAL A 391 8.39 -1.89 -3.57
CA VAL A 391 9.49 -2.25 -2.67
C VAL A 391 10.82 -1.69 -3.19
N HIS A 392 11.76 -1.63 -2.29
CA HIS A 392 13.17 -1.26 -2.60
C HIS A 392 13.76 -2.21 -3.62
N PRO A 393 14.42 -1.69 -4.64
CA PRO A 393 14.96 -2.53 -5.74
C PRO A 393 16.10 -3.51 -5.36
N GLY A 394 16.73 -3.25 -4.24
CA GLY A 394 17.81 -4.09 -3.74
C GLY A 394 17.44 -4.89 -2.52
N GLY A 395 16.16 -5.13 -2.26
CA GLY A 395 15.72 -5.73 -0.99
C GLY A 395 15.20 -7.14 -1.04
N ALA A 396 14.52 -7.54 0.03
CA ALA A 396 14.12 -8.94 0.20
C ALA A 396 13.19 -9.42 -0.93
N ASP A 397 12.09 -8.67 -1.17
CA ASP A 397 11.12 -9.04 -2.21
C ASP A 397 11.77 -8.98 -3.60
N ALA A 398 12.71 -8.08 -3.80
CA ALA A 398 13.31 -7.90 -5.10
C ALA A 398 14.12 -9.11 -5.46
N GLN A 399 14.72 -9.75 -4.45
CA GLN A 399 15.35 -11.05 -4.64
C GLN A 399 14.40 -12.23 -4.62
N ASN A 400 13.61 -12.38 -3.57
CA ASN A 400 12.67 -13.50 -3.45
C ASN A 400 11.52 -13.58 -4.44
N LEU A 401 11.13 -12.44 -5.00
CA LEU A 401 10.00 -12.37 -5.91
C LEU A 401 10.51 -11.99 -7.27
N SER A 402 11.81 -12.18 -7.54
CA SER A 402 12.37 -11.70 -8.78
C SER A 402 11.66 -12.31 -9.98
N HIS A 403 11.33 -13.57 -9.86
CA HIS A 403 10.64 -14.30 -10.96
C HIS A 403 9.27 -13.73 -11.36
N VAL A 404 8.68 -12.84 -10.54
CA VAL A 404 7.47 -12.14 -10.91
C VAL A 404 7.62 -10.60 -11.01
N LEU A 405 8.83 -10.10 -11.15
CA LEU A 405 9.11 -8.63 -11.26
C LEU A 405 9.78 -8.36 -12.55
N ALA A 406 9.87 -7.10 -12.94
CA ALA A 406 10.61 -6.70 -14.16
C ALA A 406 11.65 -5.70 -13.67
N PRO A 407 12.72 -6.21 -13.06
CA PRO A 407 13.61 -5.32 -12.34
C PRO A 407 14.40 -4.30 -13.21
N ASP A 408 14.46 -4.48 -14.52
CA ASP A 408 15.15 -3.47 -15.35
C ASP A 408 14.28 -2.24 -15.66
N ALA A 409 13.07 -2.23 -15.13
CA ALA A 409 12.24 -1.07 -15.19
C ALA A 409 12.05 -0.56 -13.78
N SER A 410 11.71 0.72 -13.71
CA SER A 410 11.51 1.40 -12.45
C SER A 410 10.19 2.19 -12.50
N VAL A 411 9.38 2.05 -11.47
CA VAL A 411 8.09 2.72 -11.35
C VAL A 411 8.20 4.18 -10.98
N GLY A 412 7.28 4.97 -11.49
CA GLY A 412 7.35 6.40 -11.36
C GLY A 412 6.09 7.07 -11.81
N ALA A 413 6.23 8.33 -12.18
CA ALA A 413 5.15 9.16 -12.66
C ALA A 413 5.64 10.09 -13.82
N PRO A 414 4.81 10.33 -14.83
CA PRO A 414 5.26 11.17 -15.93
C PRO A 414 5.34 12.65 -15.48
N PRO A 415 5.92 13.51 -16.29
CA PRO A 415 6.13 14.91 -15.92
C PRO A 415 4.85 15.67 -15.59
N ASP A 416 5.02 16.65 -14.72
CA ASP A 416 3.96 17.39 -14.05
C ASP A 416 4.22 18.85 -14.33
N GLY A 417 3.22 19.69 -14.10
CA GLY A 417 3.53 21.10 -14.00
C GLY A 417 4.41 21.22 -12.76
N TYR A 418 3.98 20.53 -11.72
CA TYR A 418 4.63 20.50 -10.41
C TYR A 418 6.03 19.87 -10.40
N ASN A 419 6.17 18.79 -11.17
CA ASN A 419 7.45 18.13 -11.39
C ASN A 419 7.70 18.05 -12.88
N GLN A 420 8.65 18.83 -13.38
CA GLN A 420 8.89 18.82 -14.82
C GLN A 420 9.81 17.72 -15.26
N GLN A 421 10.45 17.01 -14.32
CA GLN A 421 11.27 15.85 -14.70
C GLN A 421 10.43 14.52 -14.58
N GLY A 422 9.19 14.64 -14.08
CA GLY A 422 8.40 13.51 -13.60
C GLY A 422 9.05 12.98 -12.36
N GLN A 423 8.71 11.74 -11.98
CA GLN A 423 9.21 11.16 -10.74
C GLN A 423 9.63 9.70 -10.99
N ASP A 424 10.69 9.30 -10.30
CA ASP A 424 11.15 7.93 -10.29
C ASP A 424 11.09 7.46 -8.86
N TRP A 425 10.24 6.48 -8.55
CA TRP A 425 10.05 6.00 -7.17
C TRP A 425 10.98 4.87 -6.87
N SER A 426 11.58 4.36 -7.93
CA SER A 426 12.65 3.36 -7.90
C SER A 426 12.21 1.92 -7.76
N GLN A 427 10.92 1.68 -7.64
CA GLN A 427 10.47 0.33 -7.35
C GLN A 427 10.46 -0.58 -8.57
N PRO A 428 10.78 -1.88 -8.41
CA PRO A 428 10.59 -2.74 -9.58
C PRO A 428 9.12 -3.10 -9.75
N PRO A 429 8.60 -3.01 -10.98
CA PRO A 429 7.17 -3.39 -11.14
C PRO A 429 6.92 -4.88 -11.14
N TRP A 430 5.69 -5.29 -10.88
CA TRP A 430 5.31 -6.65 -11.17
C TRP A 430 5.51 -6.87 -12.69
N HIS A 431 5.94 -8.06 -13.07
CA HIS A 431 5.84 -8.51 -14.44
C HIS A 431 4.37 -8.94 -14.70
N PRO A 432 3.66 -8.25 -15.60
CA PRO A 432 2.23 -8.51 -15.81
C PRO A 432 1.84 -9.92 -16.20
N VAL A 433 2.67 -10.59 -16.96
CA VAL A 433 2.45 -12.00 -17.28
C VAL A 433 2.97 -13.01 -16.29
N ARG A 434 4.20 -12.87 -15.81
CA ARG A 434 4.74 -13.85 -14.87
C ARG A 434 3.96 -13.88 -13.60
N LEU A 435 3.47 -12.71 -13.13
CA LEU A 435 2.66 -12.73 -11.91
C LEU A 435 1.44 -13.59 -12.15
N ALA A 436 0.82 -13.44 -13.31
CA ALA A 436 -0.38 -14.27 -13.67
C ALA A 436 -0.08 -15.79 -13.84
N GLU A 437 1.11 -16.10 -14.32
CA GLU A 437 1.57 -17.49 -14.39
C GLU A 437 1.78 -18.11 -13.04
N GLU A 438 2.10 -17.31 -12.03
CA GLU A 438 2.24 -17.78 -10.64
C GLU A 438 0.93 -17.68 -9.92
N GLY A 439 -0.21 -17.55 -10.64
CA GLY A 439 -1.53 -17.56 -10.03
C GLY A 439 -1.82 -16.40 -9.05
N TYR A 440 -1.07 -15.35 -9.22
CA TYR A 440 -1.19 -14.13 -8.43
C TYR A 440 -0.90 -14.41 -6.96
N ILE A 441 -0.18 -15.47 -6.67
CA ILE A 441 -0.02 -15.92 -5.30
C ILE A 441 0.80 -14.89 -4.49
N PRO A 442 1.84 -14.24 -5.09
CA PRO A 442 2.56 -13.19 -4.29
C PRO A 442 1.65 -12.01 -3.90
N TRP A 443 0.71 -11.66 -4.78
CA TRP A 443 -0.24 -10.55 -4.48
C TRP A 443 -1.22 -11.01 -3.40
N ARG A 444 -1.80 -12.22 -3.55
CA ARG A 444 -2.61 -12.78 -2.50
C ARG A 444 -1.94 -12.71 -1.08
N ASN A 445 -0.69 -13.14 -1.05
CA ASN A 445 -0.03 -13.43 0.21
C ASN A 445 0.29 -12.11 0.93
N LEU A 446 0.71 -11.10 0.18
CA LEU A 446 0.98 -9.79 0.80
C LEU A 446 -0.32 -9.23 1.30
N LEU A 447 -1.40 -9.36 0.52
CA LEU A 447 -2.69 -8.78 0.91
C LEU A 447 -3.21 -9.50 2.15
N ARG A 448 -3.11 -10.82 2.16
CA ARG A 448 -3.68 -11.56 3.25
C ARG A 448 -2.95 -11.18 4.60
N THR A 449 -1.67 -10.98 4.55
CA THR A 449 -0.92 -10.52 5.75
C THR A 449 -1.30 -9.08 6.15
N VAL A 450 -1.36 -8.18 5.20
CA VAL A 450 -1.74 -6.82 5.44
C VAL A 450 -3.11 -6.75 6.09
N LEU A 451 -4.06 -7.53 5.62
CA LEU A 451 -5.40 -7.56 6.15
C LEU A 451 -5.64 -8.40 7.42
N ARG A 452 -4.67 -9.20 7.80
CA ARG A 452 -4.95 -10.19 8.81
C ARG A 452 -5.44 -9.63 10.16
N HIS A 453 -4.82 -8.54 10.57
CA HIS A 453 -5.20 -7.89 11.86
C HIS A 453 -5.65 -6.47 11.58
N SER A 454 -6.39 -6.28 10.49
CA SER A 454 -6.91 -4.97 10.19
C SER A 454 -8.35 -5.11 9.81
N GLY A 455 -9.15 -4.06 10.00
CA GLY A 455 -10.51 -3.98 9.43
C GLY A 455 -10.59 -3.24 8.09
N GLY A 456 -9.46 -2.80 7.56
CA GLY A 456 -9.47 -2.03 6.36
C GLY A 456 -8.11 -1.81 5.79
N ILE A 457 -8.08 -1.55 4.50
CA ILE A 457 -6.79 -1.32 3.83
C ILE A 457 -6.91 -0.07 2.92
N ARG A 458 -5.90 0.80 2.98
CA ARG A 458 -5.78 1.91 2.11
C ARG A 458 -4.68 1.56 1.12
N VAL A 459 -5.04 1.49 -0.17
CA VAL A 459 -4.13 1.15 -1.25
C VAL A 459 -3.53 2.43 -1.84
N ASP A 460 -2.27 2.68 -1.61
CA ASP A 460 -1.57 3.77 -2.22
C ASP A 460 -1.51 3.55 -3.73
N HIS A 461 -1.69 4.62 -4.48
CA HIS A 461 -1.60 4.58 -5.94
C HIS A 461 -2.49 3.50 -6.57
N VAL A 462 -3.80 3.57 -6.35
CA VAL A 462 -4.66 2.45 -6.75
C VAL A 462 -4.71 2.27 -8.26
N LEU A 463 -4.36 3.33 -9.00
CA LEU A 463 -4.28 3.21 -10.50
C LEU A 463 -3.33 2.14 -10.95
N GLY A 464 -2.36 1.85 -10.08
CA GLY A 464 -1.40 0.75 -10.26
C GLY A 464 -2.00 -0.64 -10.35
N LEU A 465 -3.25 -0.81 -9.99
CA LEU A 465 -3.96 -2.06 -10.26
C LEU A 465 -4.34 -2.20 -11.75
N PHE A 466 -4.28 -1.10 -12.50
CA PHE A 466 -4.63 -0.99 -13.88
C PHE A 466 -3.42 -0.85 -14.77
N ARG A 467 -2.51 -0.01 -14.37
CA ARG A 467 -1.33 0.28 -15.16
C ARG A 467 -0.30 0.98 -14.32
N LEU A 468 0.98 0.89 -14.70
CA LEU A 468 2.00 1.63 -14.00
C LEU A 468 2.80 2.42 -15.01
N PHE A 469 3.21 3.60 -14.64
CA PHE A 469 4.22 4.33 -15.37
C PHE A 469 5.58 3.85 -15.01
N VAL A 470 6.35 3.35 -15.98
CA VAL A 470 7.70 2.78 -15.76
C VAL A 470 8.71 3.41 -16.73
N MET A 471 9.97 3.44 -16.31
CA MET A 471 11.06 3.91 -17.13
C MET A 471 12.13 2.84 -17.08
N PRO A 472 12.96 2.72 -18.13
CA PRO A 472 14.14 1.86 -18.03
C PRO A 472 14.93 2.34 -16.86
N ARG A 473 15.46 1.41 -16.08
CA ARG A 473 16.02 1.75 -14.81
C ARG A 473 17.17 2.73 -15.01
N MET A 474 17.23 3.76 -14.17
CA MET A 474 18.31 4.73 -14.16
C MET A 474 18.17 5.81 -15.23
N GLN A 475 17.10 5.74 -16.01
CA GLN A 475 16.76 6.77 -16.96
C GLN A 475 15.80 7.77 -16.38
N SER A 476 15.68 8.89 -17.04
CA SER A 476 14.76 9.95 -16.67
C SER A 476 13.30 9.49 -16.87
N PRO A 477 12.41 9.99 -16.02
CA PRO A 477 11.00 9.59 -16.17
C PRO A 477 10.36 10.10 -17.44
N ALA A 478 10.93 11.15 -18.04
CA ALA A 478 10.52 11.57 -19.39
C ALA A 478 10.66 10.48 -20.45
N THR A 479 11.52 9.48 -20.24
CA THR A 479 11.70 8.39 -21.20
C THR A 479 10.78 7.19 -20.86
N GLY A 480 9.83 7.37 -19.94
CA GLY A 480 8.96 6.29 -19.52
C GLY A 480 7.76 6.05 -20.40
N THR A 481 7.00 5.00 -20.06
CA THR A 481 5.70 4.67 -20.62
C THR A 481 4.88 3.84 -19.65
N TYR A 482 3.61 3.60 -20.01
CA TYR A 482 2.71 2.80 -19.25
C TYR A 482 2.82 1.33 -19.61
N ILE A 483 2.82 0.46 -18.61
CA ILE A 483 2.54 -0.96 -18.86
C ILE A 483 1.19 -1.29 -18.24
N ARG A 484 0.37 -2.06 -18.92
N ARG A 484 0.38 -2.04 -18.97
CA ARG A 484 -0.97 -2.41 -18.41
CA ARG A 484 -0.93 -2.51 -18.49
C ARG A 484 -0.97 -3.76 -17.72
C ARG A 484 -0.85 -3.75 -17.62
N PHE A 485 -1.76 -3.85 -16.65
CA PHE A 485 -1.97 -5.06 -15.90
C PHE A 485 -3.42 -5.50 -16.11
N ASP A 486 -3.67 -6.74 -15.74
CA ASP A 486 -5.04 -7.27 -15.79
C ASP A 486 -5.76 -6.79 -14.53
N HIS A 487 -6.48 -5.66 -14.65
CA HIS A 487 -7.21 -5.11 -13.52
C HIS A 487 -8.28 -6.10 -12.94
N ASN A 488 -8.88 -6.97 -13.76
CA ASN A 488 -9.84 -7.90 -13.22
C ASN A 488 -9.20 -8.84 -12.18
N ALA A 489 -7.94 -9.17 -12.43
CA ALA A 489 -7.17 -10.00 -11.55
C ALA A 489 -6.73 -9.17 -10.36
N LEU A 490 -6.04 -8.05 -10.58
CA LEU A 490 -5.48 -7.30 -9.43
C LEU A 490 -6.60 -6.72 -8.49
N VAL A 491 -7.54 -6.02 -9.11
CA VAL A 491 -8.68 -5.48 -8.39
C VAL A 491 -9.53 -6.56 -7.78
N GLY A 492 -9.81 -7.60 -8.57
CA GLY A 492 -10.66 -8.69 -8.12
C GLY A 492 -10.06 -9.40 -6.90
N ILE A 493 -8.76 -9.61 -6.92
CA ILE A 493 -8.10 -10.26 -5.80
C ILE A 493 -8.00 -9.33 -4.54
N LEU A 494 -7.80 -8.04 -4.72
CA LEU A 494 -7.91 -7.09 -3.62
C LEU A 494 -9.27 -7.21 -2.98
N ALA A 495 -10.31 -7.23 -3.81
CA ALA A 495 -11.65 -7.32 -3.27
C ALA A 495 -11.88 -8.64 -2.56
N LEU A 496 -11.38 -9.72 -3.15
CA LEU A 496 -11.52 -11.02 -2.57
C LEU A 496 -10.88 -11.09 -1.19
N GLU A 497 -9.60 -10.74 -1.11
CA GLU A 497 -8.93 -10.80 0.18
C GLU A 497 -9.55 -9.89 1.25
N ALA A 498 -9.93 -8.69 0.87
CA ALA A 498 -10.71 -7.81 1.75
C ALA A 498 -12.09 -8.32 2.17
N GLU A 499 -12.82 -8.91 1.23
CA GLU A 499 -14.11 -9.51 1.58
C GLU A 499 -13.90 -10.67 2.55
N LEU A 500 -12.91 -11.54 2.35
CA LEU A 500 -12.62 -12.67 3.28
C LEU A 500 -12.24 -12.14 4.68
N ALA A 501 -11.58 -10.98 4.72
CA ALA A 501 -11.19 -10.36 5.99
C ALA A 501 -12.27 -9.44 6.58
N GLY A 502 -13.48 -9.32 6.00
CA GLY A 502 -14.51 -8.43 6.50
C GLY A 502 -14.11 -6.99 6.48
N ALA A 503 -13.27 -6.60 5.50
CA ALA A 503 -12.61 -5.32 5.47
C ALA A 503 -13.19 -4.27 4.53
N VAL A 504 -12.88 -3.03 4.85
CA VAL A 504 -13.03 -1.85 3.97
C VAL A 504 -11.84 -1.75 3.06
N VAL A 505 -12.08 -1.33 1.85
CA VAL A 505 -11.01 -0.99 0.89
C VAL A 505 -11.11 0.45 0.41
N ILE A 506 -10.04 1.21 0.56
CA ILE A 506 -9.91 2.57 0.12
C ILE A 506 -8.75 2.70 -0.86
N GLY A 507 -9.01 3.36 -1.99
CA GLY A 507 -8.10 3.38 -3.08
C GLY A 507 -7.79 4.81 -3.29
N GLU A 508 -6.52 5.11 -3.21
CA GLU A 508 -6.14 6.48 -3.29
C GLU A 508 -6.23 6.75 -4.76
N ASP A 509 -7.04 7.73 -5.09
CA ASP A 509 -7.40 7.99 -6.47
C ASP A 509 -7.33 9.48 -6.86
N LEU A 510 -6.26 10.15 -6.43
CA LEU A 510 -6.11 11.60 -6.57
C LEU A 510 -6.09 12.13 -8.01
N GLY A 511 -5.40 11.46 -8.92
CA GLY A 511 -5.38 11.87 -10.33
C GLY A 511 -6.69 11.53 -11.06
N THR A 512 -6.99 12.15 -12.23
CA THR A 512 -8.27 11.80 -12.87
C THR A 512 -8.27 10.98 -14.18
N PHE A 513 -8.59 9.71 -13.99
CA PHE A 513 -8.48 8.65 -14.98
C PHE A 513 -9.77 8.34 -15.78
N GLU A 514 -9.70 7.36 -16.66
CA GLU A 514 -10.80 7.03 -17.54
C GLU A 514 -12.03 6.54 -16.80
N PRO A 515 -13.22 6.81 -17.35
CA PRO A 515 -14.49 6.42 -16.66
C PRO A 515 -14.51 4.95 -16.32
N TRP A 516 -14.02 4.09 -17.21
CA TRP A 516 -14.05 2.66 -16.96
C TRP A 516 -13.26 2.22 -15.72
N VAL A 517 -12.20 2.94 -15.44
CA VAL A 517 -11.29 2.62 -14.33
C VAL A 517 -12.01 2.95 -13.03
N GLN A 518 -12.52 4.17 -12.93
CA GLN A 518 -13.36 4.62 -11.84
C GLN A 518 -14.47 3.63 -11.56
N ASP A 519 -15.15 3.20 -12.61
CA ASP A 519 -16.26 2.32 -12.43
C ASP A 519 -15.84 0.94 -11.99
N ALA A 520 -14.74 0.45 -12.52
CA ALA A 520 -14.26 -0.86 -12.07
C ALA A 520 -14.06 -0.87 -10.54
N LEU A 521 -13.58 0.23 -9.98
CA LEU A 521 -13.36 0.33 -8.52
C LEU A 521 -14.72 0.48 -7.76
N ALA A 522 -15.55 1.38 -8.25
CA ALA A 522 -16.82 1.73 -7.58
C ALA A 522 -17.77 0.59 -7.55
N GLN A 523 -17.80 -0.18 -8.62
CA GLN A 523 -18.69 -1.30 -8.63
C GLN A 523 -18.33 -2.37 -7.63
N ARG A 524 -17.05 -2.52 -7.36
CA ARG A 524 -16.57 -3.47 -6.32
C ARG A 524 -16.71 -2.98 -4.92
N GLY A 525 -17.20 -1.77 -4.72
CA GLY A 525 -17.30 -1.24 -3.38
C GLY A 525 -16.02 -0.64 -2.83
N ILE A 526 -15.07 -0.35 -3.73
CA ILE A 526 -13.83 0.26 -3.33
C ILE A 526 -14.04 1.78 -3.24
N MET A 527 -13.59 2.34 -2.14
CA MET A 527 -13.84 3.74 -1.84
C MET A 527 -12.74 4.56 -2.41
N GLY A 528 -13.12 5.77 -2.86
CA GLY A 528 -12.17 6.80 -3.20
C GLY A 528 -11.65 7.63 -2.06
N THR A 529 -10.83 8.63 -2.40
CA THR A 529 -10.26 9.49 -1.37
C THR A 529 -10.48 10.96 -1.75
N SER A 530 -11.16 11.72 -0.90
CA SER A 530 -11.37 13.15 -1.13
C SER A 530 -10.62 13.91 -0.06
N ILE A 531 -9.86 14.90 -0.46
CA ILE A 531 -9.01 15.69 0.45
C ILE A 531 -9.43 17.16 0.33
N LEU A 532 -9.91 17.70 1.46
CA LEU A 532 -10.63 18.99 1.40
C LEU A 532 -9.83 20.06 0.61
N TRP A 533 -8.56 20.21 0.93
CA TRP A 533 -7.73 21.26 0.27
C TRP A 533 -7.58 21.14 -1.22
N PHE A 534 -7.72 19.93 -1.76
CA PHE A 534 -7.64 19.69 -3.19
C PHE A 534 -8.98 19.66 -3.90
N GLU A 535 -10.13 19.75 -3.23
CA GLU A 535 -11.40 19.46 -3.92
C GLU A 535 -12.07 20.64 -4.60
N HIS A 536 -12.54 20.42 -5.85
CA HIS A 536 -13.10 21.46 -6.67
C HIS A 536 -14.46 20.99 -6.97
N SER A 537 -15.37 21.95 -7.07
CA SER A 537 -16.72 21.62 -7.40
C SER A 537 -16.73 21.06 -8.84
N PRO A 538 -17.42 19.93 -9.07
CA PRO A 538 -17.70 19.65 -10.47
C PRO A 538 -18.54 20.78 -11.12
N SER A 539 -19.48 21.38 -10.38
CA SER A 539 -20.46 22.33 -10.92
C SER A 539 -20.06 23.84 -11.03
N GLN A 540 -19.67 24.44 -9.92
CA GLN A 540 -19.28 25.84 -9.85
C GLN A 540 -17.78 26.00 -9.99
N PRO A 541 -17.27 27.15 -10.39
CA PRO A 541 -15.83 27.36 -10.11
C PRO A 541 -15.61 27.48 -8.59
N GLY A 542 -14.53 26.91 -8.10
CA GLY A 542 -14.25 26.99 -6.70
C GLY A 542 -14.34 25.68 -5.95
N PRO A 543 -14.30 25.76 -4.61
CA PRO A 543 -14.32 24.57 -3.77
C PRO A 543 -15.55 23.74 -3.94
N ARG A 544 -15.35 22.45 -3.69
CA ARG A 544 -16.44 21.50 -3.70
C ARG A 544 -17.47 21.80 -2.58
N ARG A 545 -18.74 21.77 -2.90
CA ARG A 545 -19.79 21.99 -1.91
C ARG A 545 -20.02 20.72 -1.06
N GLN A 546 -20.53 20.95 0.12
CA GLN A 546 -20.71 19.81 1.04
C GLN A 546 -21.42 18.66 0.38
N GLU A 547 -22.51 18.96 -0.32
CA GLU A 547 -23.41 17.96 -0.84
C GLU A 547 -22.83 17.30 -2.11
N GLU A 548 -21.77 17.85 -2.64
CA GLU A 548 -21.09 17.31 -3.84
C GLU A 548 -20.02 16.32 -3.48
N TYR A 549 -19.74 16.08 -2.19
CA TYR A 549 -18.70 15.12 -1.83
C TYR A 549 -19.26 13.73 -2.14
N ARG A 550 -18.43 12.91 -2.78
CA ARG A 550 -18.80 11.55 -3.18
C ARG A 550 -19.16 10.71 -1.97
N PRO A 551 -20.24 9.97 -2.03
CA PRO A 551 -20.51 9.06 -0.95
C PRO A 551 -19.53 7.89 -0.77
N LEU A 552 -19.13 7.19 -1.83
CA LEU A 552 -18.24 6.06 -1.71
C LEU A 552 -16.78 6.50 -1.67
N ALA A 553 -16.44 7.12 -0.55
CA ALA A 553 -15.15 7.72 -0.31
C ALA A 553 -14.79 7.81 1.17
N LEU A 554 -13.50 7.87 1.39
CA LEU A 554 -12.93 8.40 2.57
C LEU A 554 -12.65 9.87 2.37
N THR A 555 -13.25 10.72 3.19
CA THR A 555 -12.99 12.17 3.10
C THR A 555 -12.20 12.71 4.29
N THR A 556 -11.16 13.49 4.02
CA THR A 556 -10.36 14.08 5.06
C THR A 556 -10.16 15.55 4.81
N VAL A 557 -9.65 16.26 5.84
CA VAL A 557 -9.26 17.63 5.67
C VAL A 557 -7.88 17.64 5.04
N THR A 558 -7.00 16.75 5.51
CA THR A 558 -5.56 16.83 5.19
C THR A 558 -4.96 15.41 5.09
N THR A 559 -3.66 15.30 4.86
CA THR A 559 -2.99 14.02 4.69
C THR A 559 -1.58 14.14 5.21
N HIS A 560 -0.92 13.02 5.30
CA HIS A 560 0.45 13.00 5.85
C HIS A 560 1.44 13.71 4.87
N ASP A 561 1.06 13.90 3.62
CA ASP A 561 1.84 14.70 2.67
C ASP A 561 1.62 16.24 2.67
N LEU A 562 0.76 16.76 3.53
CA LEU A 562 0.56 18.20 3.67
C LEU A 562 0.96 18.68 5.04
N PRO A 563 1.21 19.98 5.18
CA PRO A 563 1.27 20.43 6.60
C PRO A 563 -0.09 20.26 7.33
N PRO A 564 -0.04 19.93 8.60
CA PRO A 564 -1.31 19.82 9.35
C PRO A 564 -2.03 21.17 9.34
N THR A 565 -3.30 21.13 9.67
CA THR A 565 -4.22 22.22 9.36
C THR A 565 -3.87 23.51 10.10
N ALA A 566 -3.38 23.38 11.34
CA ALA A 566 -2.85 24.54 12.08
C ALA A 566 -1.72 25.25 11.32
N GLY A 567 -0.81 24.48 10.72
CA GLY A 567 0.22 25.05 9.83
C GLY A 567 -0.30 25.60 8.51
N TYR A 568 -1.17 24.83 7.91
CA TYR A 568 -1.69 25.11 6.59
C TYR A 568 -2.51 26.42 6.62
N LEU A 569 -3.31 26.59 7.67
CA LEU A 569 -4.05 27.86 7.85
C LEU A 569 -3.13 29.08 7.87
N GLU A 570 -1.93 28.92 8.43
CA GLU A 570 -0.99 30.01 8.53
C GLU A 570 0.01 30.11 7.37
N GLY A 571 -0.26 29.45 6.26
CA GLY A 571 0.64 29.39 5.12
C GLY A 571 1.90 28.52 5.17
N GLU A 572 2.03 27.61 6.13
CA GLU A 572 3.27 26.77 6.31
C GLU A 572 3.66 25.88 5.11
N HIS A 573 2.67 25.42 4.35
CA HIS A 573 2.96 24.80 3.05
C HIS A 573 3.84 25.66 2.12
N ILE A 574 3.59 26.96 2.08
CA ILE A 574 4.42 27.84 1.27
C ILE A 574 5.72 28.20 2.00
N ALA A 575 5.66 28.54 3.30
CA ALA A 575 6.87 28.85 4.06
C ALA A 575 7.88 27.69 4.07
N LEU A 576 7.41 26.45 4.21
CA LEU A 576 8.28 25.25 4.31
C LEU A 576 8.91 25.05 2.92
N ARG A 577 8.10 25.06 1.86
CA ARG A 577 8.65 24.92 0.48
C ARG A 577 9.69 26.04 0.15
N GLU A 578 9.48 27.24 0.68
CA GLU A 578 10.37 28.38 0.39
C GLU A 578 11.71 28.23 1.08
N ARG A 579 11.70 27.80 2.34
CA ARG A 579 12.93 27.76 3.10
C ARG A 579 13.74 26.54 2.72
N LEU A 580 13.12 25.56 2.06
CA LEU A 580 13.87 24.43 1.56
C LEU A 580 14.31 24.67 0.11
N GLY A 581 13.99 25.84 -0.45
CA GLY A 581 14.36 26.20 -1.81
C GLY A 581 13.77 25.26 -2.84
N VAL A 582 12.50 24.91 -2.62
CA VAL A 582 11.70 23.98 -3.41
C VAL A 582 10.38 24.63 -3.83
N LEU A 583 10.28 25.92 -3.55
CA LEU A 583 9.39 26.83 -4.23
C LEU A 583 10.41 27.66 -5.01
N ASN A 584 10.15 27.77 -6.31
CA ASN A 584 10.85 28.68 -7.22
C ASN A 584 9.94 29.77 -7.77
N THR A 585 8.75 29.90 -7.20
CA THR A 585 7.81 30.95 -7.54
C THR A 585 7.82 31.96 -6.36
N ASP A 586 7.34 33.17 -6.61
CA ASP A 586 7.31 34.25 -5.62
C ASP A 586 6.51 33.85 -4.34
N PRO A 587 7.18 33.76 -3.16
CA PRO A 587 6.44 33.43 -1.92
C PRO A 587 5.18 34.27 -1.72
N ALA A 588 5.23 35.58 -1.98
CA ALA A 588 4.08 36.43 -1.69
C ALA A 588 2.87 36.17 -2.61
N ALA A 589 3.12 35.88 -3.89
CA ALA A 589 2.03 35.62 -4.85
C ALA A 589 1.31 34.28 -4.58
N GLU A 590 2.09 33.31 -4.10
CA GLU A 590 1.58 32.02 -3.68
C GLU A 590 0.77 32.18 -2.38
N LEU A 591 1.28 32.94 -1.41
CA LEU A 591 0.54 33.20 -0.15
C LEU A 591 -0.82 33.78 -0.47
N ALA A 592 -0.83 34.74 -1.42
CA ALA A 592 -2.03 35.38 -1.83
C ALA A 592 -2.96 34.43 -2.51
N GLU A 593 -2.43 33.52 -3.32
CA GLU A 593 -3.31 32.48 -3.94
C GLU A 593 -3.91 31.56 -2.86
N ASP A 594 -3.06 31.15 -1.95
CA ASP A 594 -3.46 30.32 -0.82
C ASP A 594 -4.59 30.96 0.01
N LEU A 595 -4.38 32.21 0.44
CA LEU A 595 -5.46 32.96 1.16
C LEU A 595 -6.76 32.98 0.42
N GLN A 596 -6.70 33.27 -0.88
CA GLN A 596 -7.93 33.35 -1.68
C GLN A 596 -8.67 32.00 -1.71
N TRP A 597 -7.91 30.92 -1.93
CA TRP A 597 -8.52 29.59 -2.00
C TRP A 597 -9.09 29.18 -0.61
N GLN A 598 -8.33 29.39 0.47
CA GLN A 598 -8.86 29.17 1.84
C GLN A 598 -10.12 29.97 2.10
N ALA A 599 -10.16 31.21 1.58
CA ALA A 599 -11.33 32.06 1.77
C ALA A 599 -12.55 31.50 1.12
N GLU A 600 -12.38 31.05 -0.11
CA GLU A 600 -13.43 30.38 -0.82
C GLU A 600 -13.99 29.11 -0.09
N ILE A 601 -13.08 28.33 0.50
CA ILE A 601 -13.43 27.10 1.22
C ILE A 601 -14.22 27.39 2.51
N LEU A 602 -13.75 28.40 3.24
CA LEU A 602 -14.43 28.86 4.47
C LEU A 602 -15.81 29.44 4.12
N ASP A 603 -15.92 30.18 2.99
CA ASP A 603 -17.24 30.55 2.47
C ASP A 603 -18.14 29.39 2.10
N VAL A 604 -17.60 28.31 1.50
CA VAL A 604 -18.47 27.13 1.25
C VAL A 604 -18.85 26.45 2.55
N ALA A 605 -17.91 26.40 3.50
CA ALA A 605 -18.23 25.81 4.83
C ALA A 605 -19.33 26.57 5.55
N ALA A 606 -19.27 27.88 5.45
CA ALA A 606 -20.37 28.79 5.96
C ALA A 606 -21.72 28.61 5.29
N SER A 607 -21.72 28.31 3.97
CA SER A 607 -22.98 27.97 3.32
C SER A 607 -23.56 26.71 3.83
N ALA A 608 -22.69 25.84 4.33
CA ALA A 608 -23.17 24.60 4.96
C ALA A 608 -23.40 24.75 6.49
N ASN A 609 -23.39 25.97 7.00
CA ASN A 609 -23.56 26.27 8.42
C ASN A 609 -22.46 25.75 9.36
N ALA A 610 -21.29 25.39 8.79
CA ALA A 610 -20.21 24.78 9.59
C ALA A 610 -19.41 25.87 10.22
N LEU A 611 -19.55 27.10 9.73
CA LEU A 611 -18.83 28.25 10.27
C LEU A 611 -19.79 29.40 10.16
N PRO A 612 -19.59 30.48 10.94
CA PRO A 612 -20.45 31.69 10.66
C PRO A 612 -20.05 32.34 9.32
N ALA A 613 -21.03 32.93 8.68
CA ALA A 613 -20.81 33.50 7.35
C ALA A 613 -20.18 34.87 7.46
N ARG A 614 -18.90 34.91 7.75
CA ARG A 614 -18.18 36.15 7.88
C ARG A 614 -17.78 36.80 6.57
N GLU A 615 -18.08 36.19 5.43
CA GLU A 615 -17.60 36.68 4.14
C GLU A 615 -16.08 36.73 4.10
N TYR A 616 -15.46 35.55 4.01
CA TYR A 616 -14.02 35.40 4.26
C TYR A 616 -13.14 36.04 3.19
N VAL A 617 -13.64 36.13 1.97
CA VAL A 617 -12.77 36.70 0.91
C VAL A 617 -12.59 38.12 1.24
N GLY A 618 -11.35 38.54 1.45
CA GLY A 618 -11.06 39.92 1.75
C GLY A 618 -10.58 40.08 3.16
N LEU A 619 -10.94 39.16 4.06
CA LEU A 619 -10.37 39.17 5.39
C LEU A 619 -8.86 38.91 5.40
N GLU A 620 -8.10 39.60 6.25
CA GLU A 620 -6.71 39.23 6.48
C GLU A 620 -6.65 37.85 7.13
N ARG A 621 -5.49 37.22 6.97
CA ARG A 621 -5.30 35.85 7.44
C ARG A 621 -5.60 35.71 8.91
N ASP A 622 -5.11 36.66 9.70
CA ASP A 622 -5.34 36.56 11.15
C ASP A 622 -6.69 37.09 11.69
N GLN A 623 -7.57 37.56 10.78
N GLN A 623 -7.61 37.50 10.81
CA GLN A 623 -8.94 38.04 11.07
CA GLN A 623 -8.94 37.95 11.24
C GLN A 623 -10.07 36.99 10.91
C GLN A 623 -10.06 37.02 10.77
N ARG A 624 -9.75 35.72 10.65
CA ARG A 624 -10.77 34.72 10.21
C ARG A 624 -11.37 33.87 11.33
N GLY A 625 -10.83 34.00 12.54
CA GLY A 625 -11.30 33.26 13.69
C GLY A 625 -10.13 32.66 14.35
N GLU A 626 -10.30 32.15 15.56
CA GLU A 626 -9.17 31.49 16.23
C GLU A 626 -8.95 30.10 15.59
N LEU A 627 -7.74 29.59 15.83
CA LEU A 627 -7.30 28.29 15.31
C LEU A 627 -8.37 27.24 15.63
N ALA A 628 -8.69 27.10 16.89
CA ALA A 628 -9.76 26.18 17.32
C ALA A 628 -11.08 26.33 16.60
N GLU A 629 -11.51 27.55 16.30
CA GLU A 629 -12.77 27.73 15.61
C GLU A 629 -12.67 27.27 14.14
N LEU A 630 -11.57 27.59 13.51
CA LEU A 630 -11.34 27.16 12.11
C LEU A 630 -11.25 25.63 12.02
N LEU A 631 -10.52 25.02 12.93
CA LEU A 631 -10.47 23.56 13.04
C LEU A 631 -11.86 22.94 13.22
N GLU A 632 -12.64 23.47 14.11
CA GLU A 632 -13.98 22.96 14.38
C GLU A 632 -14.79 23.09 13.11
N GLY A 633 -14.65 24.23 12.43
CA GLY A 633 -15.47 24.52 11.23
C GLY A 633 -15.17 23.53 10.10
N LEU A 634 -13.90 23.31 9.88
CA LEU A 634 -13.50 22.44 8.74
C LEU A 634 -13.86 21.01 9.08
N HIS A 635 -13.75 20.63 10.36
CA HIS A 635 -14.13 19.30 10.70
C HIS A 635 -15.60 19.01 10.64
N THR A 636 -16.41 19.97 11.03
CA THR A 636 -17.86 19.81 11.01
C THR A 636 -18.33 19.70 9.56
N PHE A 637 -17.71 20.50 8.74
CA PHE A 637 -18.04 20.55 7.29
C PHE A 637 -17.84 19.16 6.66
N VAL A 638 -16.68 18.59 6.98
CA VAL A 638 -16.37 17.21 6.52
C VAL A 638 -17.25 16.15 7.14
N ALA A 639 -17.54 16.30 8.42
CA ALA A 639 -18.41 15.37 9.15
C ALA A 639 -19.78 15.21 8.54
N LYS A 640 -20.32 16.34 7.98
CA LYS A 640 -21.71 16.34 7.50
C LYS A 640 -21.76 16.22 6.00
N THR A 641 -20.65 15.78 5.40
CA THR A 641 -20.70 15.32 3.98
C THR A 641 -21.40 13.98 3.95
N PRO A 642 -21.86 13.57 2.76
CA PRO A 642 -22.40 12.23 2.66
C PRO A 642 -21.35 11.11 2.56
N SER A 643 -20.06 11.41 2.75
CA SER A 643 -19.01 10.40 2.67
C SER A 643 -19.22 9.27 3.63
N ALA A 644 -19.11 8.01 3.12
CA ALA A 644 -19.17 6.82 3.96
C ALA A 644 -18.25 6.91 5.17
N LEU A 645 -17.04 7.40 4.96
CA LEU A 645 -16.05 7.46 6.00
C LEU A 645 -15.38 8.80 5.95
N THR A 646 -15.13 9.34 7.13
CA THR A 646 -14.36 10.59 7.27
C THR A 646 -13.21 10.34 8.20
N CYS A 647 -12.17 11.16 8.11
CA CYS A 647 -10.95 10.89 8.84
C CYS A 647 -10.41 12.13 9.37
N VAL A 648 -10.24 12.16 10.68
CA VAL A 648 -9.62 13.23 11.43
C VAL A 648 -8.16 12.88 11.60
N CYS A 649 -7.27 13.75 11.18
CA CYS A 649 -5.87 13.52 11.44
C CYS A 649 -5.52 13.85 12.85
N LEU A 650 -4.79 12.93 13.49
CA LEU A 650 -4.41 13.08 14.90
C LEU A 650 -3.66 14.41 15.12
N VAL A 651 -2.84 14.76 14.12
CA VAL A 651 -2.10 16.02 14.14
C VAL A 651 -2.99 17.26 14.36
N ASP A 652 -4.17 17.21 13.81
CA ASP A 652 -5.10 18.34 13.86
C ASP A 652 -5.82 18.42 15.21
N MET A 653 -5.82 17.31 15.94
CA MET A 653 -6.45 17.26 17.24
C MET A 653 -5.57 17.92 18.32
N VAL A 654 -4.31 18.11 18.06
CA VAL A 654 -3.40 18.65 19.06
C VAL A 654 -2.75 19.93 18.60
N GLY A 655 -3.05 20.42 17.41
CA GLY A 655 -2.48 21.74 17.01
C GLY A 655 -1.09 21.69 16.38
N GLU A 656 -0.68 20.48 15.96
CA GLU A 656 0.60 20.29 15.30
C GLU A 656 0.73 21.27 14.11
N LYS A 657 1.87 21.89 14.04
CA LYS A 657 2.19 22.77 12.87
C LYS A 657 3.22 22.20 11.86
N ARG A 658 4.05 21.23 12.29
CA ARG A 658 5.08 20.58 11.44
C ARG A 658 4.58 19.44 10.51
N ALA A 659 4.87 19.61 9.22
CA ALA A 659 4.68 18.58 8.18
C ALA A 659 5.52 17.36 8.50
N GLN A 660 4.89 16.21 8.36
CA GLN A 660 5.55 14.92 8.42
C GLN A 660 6.47 14.64 7.25
N ASN A 661 6.01 15.00 6.07
CA ASN A 661 6.76 14.79 4.81
C ASN A 661 6.53 15.99 3.93
N GLN A 662 7.59 16.50 3.30
CA GLN A 662 7.46 17.49 2.21
C GLN A 662 7.74 16.73 0.93
N PRO A 663 6.69 16.40 0.11
CA PRO A 663 6.99 15.70 -1.13
C PRO A 663 7.97 16.45 -2.03
N GLY A 664 8.80 15.67 -2.73
CA GLY A 664 9.85 16.24 -3.57
C GLY A 664 10.98 16.89 -2.78
N THR A 665 11.19 16.45 -1.55
CA THR A 665 12.41 16.80 -0.83
C THR A 665 13.05 15.50 -0.37
N THR A 666 14.33 15.56 -0.05
CA THR A 666 15.10 14.38 0.32
C THR A 666 15.51 14.58 1.76
N ARG A 667 16.07 13.54 2.35
CA ARG A 667 16.20 13.48 3.78
C ARG A 667 17.26 14.41 4.30
N ASP A 668 18.18 14.82 3.44
CA ASP A 668 19.15 15.87 3.80
C ASP A 668 18.53 17.29 3.78
N MET A 669 17.35 17.44 3.21
CA MET A 669 16.69 18.72 3.20
C MET A 669 15.70 18.94 4.39
N TYR A 670 14.93 17.92 4.72
CA TYR A 670 14.01 18.02 5.86
C TYR A 670 13.85 16.64 6.46
N PRO A 671 13.54 16.54 7.76
CA PRO A 671 13.51 15.23 8.40
C PRO A 671 12.18 14.45 8.16
N ASN A 672 11.91 14.13 6.89
CA ASN A 672 10.69 13.49 6.48
C ASN A 672 10.59 12.23 7.28
N TRP A 673 9.37 11.92 7.73
CA TRP A 673 9.09 10.71 8.48
C TRP A 673 9.71 10.60 9.82
N CYS A 674 10.20 11.70 10.36
CA CYS A 674 10.86 11.73 11.66
C CYS A 674 10.32 12.83 12.63
N ILE A 675 9.12 13.34 12.40
CA ILE A 675 8.61 14.51 13.14
C ILE A 675 7.69 14.00 14.23
N PRO A 676 8.13 14.04 15.52
CA PRO A 676 7.24 13.53 16.61
C PRO A 676 6.00 14.37 16.84
N LEU A 677 4.95 13.77 17.43
CA LEU A 677 3.66 14.46 17.58
C LEU A 677 3.83 15.57 18.66
N CYS A 678 3.68 16.81 18.21
CA CYS A 678 3.77 17.97 19.16
C CYS A 678 2.59 18.92 18.99
N ASP A 679 2.31 19.71 20.05
CA ASP A 679 1.24 20.70 20.00
C ASP A 679 1.68 22.00 19.33
N SER A 680 0.84 23.03 19.31
CA SER A 680 1.19 24.31 18.66
C SER A 680 2.40 25.07 19.20
N GLU A 681 2.77 24.76 20.43
CA GLU A 681 3.90 25.38 21.13
C GLU A 681 5.19 24.55 21.03
N GLY A 682 5.13 23.49 20.22
CA GLY A 682 6.26 22.63 19.98
C GLY A 682 6.48 21.68 21.10
N ASN A 683 5.46 21.40 21.93
CA ASN A 683 5.63 20.42 23.02
C ASN A 683 5.07 19.03 22.65
N SER A 684 5.80 18.00 23.04
CA SER A 684 5.39 16.62 22.80
C SER A 684 4.00 16.36 23.45
N VAL A 685 3.12 15.68 22.72
CA VAL A 685 1.88 15.19 23.32
C VAL A 685 1.91 13.68 23.41
N LEU A 686 1.85 13.13 24.60
CA LEU A 686 1.91 11.71 24.75
C LEU A 686 0.51 11.16 24.60
N ILE A 687 0.38 9.85 24.35
CA ILE A 687 -0.96 9.27 24.24
C ILE A 687 -1.76 9.48 25.52
N GLU A 688 -1.07 9.37 26.64
CA GLU A 688 -1.68 9.55 27.98
C GLU A 688 -2.29 10.92 28.16
N SER A 689 -1.81 11.90 27.41
CA SER A 689 -2.23 13.28 27.62
C SER A 689 -3.27 13.68 26.66
N LEU A 690 -3.56 12.85 25.67
CA LEU A 690 -4.40 13.35 24.55
C LEU A 690 -5.70 13.88 24.99
N ARG A 691 -6.35 13.15 25.88
CA ARG A 691 -7.69 13.52 26.26
C ARG A 691 -7.71 14.56 27.40
N GLU A 692 -6.55 15.05 27.85
CA GLU A 692 -6.45 16.14 28.79
C GLU A 692 -6.52 17.46 28.07
N ASN A 693 -6.40 17.52 26.74
CA ASN A 693 -6.28 18.85 26.06
C ASN A 693 -7.64 19.24 25.51
N GLU A 694 -7.97 20.50 25.70
CA GLU A 694 -9.25 21.01 25.28
C GLU A 694 -9.37 20.91 23.76
N LEU A 695 -8.28 21.20 23.07
CA LEU A 695 -8.28 21.17 21.58
C LEU A 695 -8.73 19.79 21.02
N TYR A 696 -8.18 18.70 21.58
CA TYR A 696 -8.59 17.37 21.22
C TYR A 696 -10.10 17.15 21.26
N HIS A 697 -10.72 17.52 22.40
CA HIS A 697 -12.13 17.33 22.63
C HIS A 697 -12.96 18.19 21.70
N ARG A 698 -12.52 19.42 21.43
CA ARG A 698 -13.25 20.29 20.46
C ARG A 698 -13.27 19.70 19.02
N VAL A 699 -12.11 19.24 18.60
CA VAL A 699 -12.00 18.65 17.25
C VAL A 699 -12.77 17.34 17.22
N ALA A 700 -12.68 16.52 18.26
CA ALA A 700 -13.48 15.29 18.33
C ALA A 700 -14.98 15.53 18.21
N LYS A 701 -15.44 16.50 18.97
CA LYS A 701 -16.87 16.81 19.00
C LYS A 701 -17.30 17.30 17.65
N ALA A 702 -16.51 18.19 17.05
CA ALA A 702 -16.83 18.75 15.73
C ALA A 702 -16.84 17.69 14.61
N SER A 703 -16.10 16.59 14.81
CA SER A 703 -16.09 15.48 13.82
C SER A 703 -17.15 14.42 13.99
N LYS A 704 -17.96 14.51 15.05
CA LYS A 704 -18.92 13.45 15.31
C LYS A 704 -19.94 13.42 14.24
N ARG A 705 -20.36 12.24 13.81
CA ARG A 705 -21.27 12.15 12.70
C ARG A 705 -22.73 11.85 13.04
N ASP A 706 -23.03 11.35 14.23
CA ASP A 706 -24.43 11.15 14.68
C ASP A 706 -24.83 12.16 15.77
C1 GOL B . 5.25 -4.82 -6.25
O1 GOL B . 6.10 -4.65 -7.38
C2 GOL B . 5.70 -5.96 -5.36
O2 GOL B . 7.06 -6.21 -5.55
C3 GOL B . 5.60 -5.61 -3.90
O3 GOL B . 5.54 -6.81 -3.17
C1 GOL C . 3.45 -9.94 23.25
O1 GOL C . 4.39 -10.33 22.25
C2 GOL C . 2.01 -9.93 22.77
O2 GOL C . 1.40 -11.19 23.03
C3 GOL C . 1.22 -8.88 23.49
O3 GOL C . 1.19 -7.63 22.83
S SO4 D . 8.23 12.08 -1.81
O1 SO4 D . 7.59 11.86 -0.48
O2 SO4 D . 8.30 10.72 -2.39
O3 SO4 D . 7.48 12.99 -2.70
O4 SO4 D . 9.47 12.85 -1.62
S SO4 E . -5.21 -18.58 6.60
O1 SO4 E . -6.49 -18.75 5.87
O2 SO4 E . -4.53 -19.85 6.94
O3 SO4 E . -5.68 -17.94 7.83
O4 SO4 E . -4.26 -17.83 5.75
S SO4 F . 13.57 -16.28 -27.87
O1 SO4 F . 12.42 -15.81 -27.06
O2 SO4 F . 13.30 -17.63 -28.50
O3 SO4 F . 13.86 -15.38 -29.01
O4 SO4 F . 14.64 -16.29 -26.82
S SO4 G . -21.42 -1.66 14.34
O1 SO4 G . -22.75 -2.27 14.53
O2 SO4 G . -20.38 -2.73 14.36
O3 SO4 G . -21.51 -1.03 13.03
O4 SO4 G . -21.14 -0.58 15.35
S SO4 H . -16.83 14.41 -9.42
O1 SO4 H . -17.52 13.62 -8.37
O2 SO4 H . -15.57 13.69 -9.64
O3 SO4 H . -16.47 15.79 -9.04
O4 SO4 H . -17.70 14.52 -10.64
S SO4 I . -24.59 21.77 -12.58
O1 SO4 I . -24.57 21.14 -11.20
O2 SO4 I . -25.94 21.41 -13.15
O3 SO4 I . -23.34 21.32 -13.25
O4 SO4 I . -24.47 23.26 -12.59
S SO4 J . -2.36 -22.39 -2.35
O1 SO4 J . -2.90 -22.81 -1.03
O2 SO4 J . -2.04 -23.57 -3.19
O3 SO4 J . -3.42 -21.57 -3.03
O4 SO4 J . -1.08 -21.62 -2.20
S SO4 K . -20.31 -30.53 -10.86
O1 SO4 K . -19.26 -31.56 -10.56
O2 SO4 K . -21.11 -31.02 -12.02
O3 SO4 K . -19.67 -29.22 -11.21
O4 SO4 K . -21.22 -30.36 -9.69
S SO4 L . 0.74 -38.87 -26.85
O1 SO4 L . 0.76 -39.65 -25.58
O2 SO4 L . 0.92 -39.76 -28.02
O3 SO4 L . -0.58 -38.17 -26.93
O4 SO4 L . 1.86 -37.92 -26.91
#